data_2J5B
#
_entry.id   2J5B
#
_cell.length_a   63.502
_cell.length_b   107.300
_cell.length_c   148.890
_cell.angle_alpha   90.00
_cell.angle_beta   90.00
_cell.angle_gamma   90.00
#
_symmetry.space_group_name_H-M   'P 21 21 21'
#
loop_
_entity.id
_entity.type
_entity.pdbx_description
1 polymer 'TYROSYL-TRNA SYNTHETASE'
2 non-polymer 4-[(2S)-2-amino-3-hydroxypropyl]phenol
3 water water
#
_entity_poly.entity_id   1
_entity_poly.type   'polypeptide(L)'
_entity_poly.pdbx_seq_one_letter_code
;AGLENTDHTNNEHRLTQLLSIAEECETLDRLKQLVDSGRIFTAYNGFEPSGRIHIAQALITVMNTNNMIECGGQMIIYIA
DWFAKMNLKMNGDINKIRELGRYFIEVFKACGINLDGTRFIWASEFIASNPSYIERMLDIAEFSTISRVKRCCQIMGRNE
SDCLKASQIFYPCMQAADVFELVPEGIDICQLGIDQRKVNMLAIEYANDRGLKIPISLSHHMLMSLSGPKKKMSKSDPQG
AIFMDDTEQEVSEKISRAYCTDETFDNPIFEYIKYLLLRWFGTLNLCGKIYTDIESIQEDFSSMNKRELKTDVANYINTI
IDLVREHFKKPELSELLSNVKSYQQPSK
;
_entity_poly.pdbx_strand_id   A,B
#
# COMPACT_ATOMS: atom_id res chain seq x y z
N ASP A 7 4.80 -22.66 -40.40
CA ASP A 7 6.02 -21.82 -40.58
C ASP A 7 5.79 -20.48 -39.87
N HIS A 8 6.08 -19.39 -40.57
CA HIS A 8 5.89 -18.05 -40.03
C HIS A 8 4.40 -17.76 -40.11
N THR A 9 3.70 -18.57 -40.90
CA THR A 9 2.27 -18.44 -41.10
C THR A 9 1.49 -18.55 -39.79
N ASN A 10 1.94 -19.42 -38.89
CA ASN A 10 1.26 -19.59 -37.61
C ASN A 10 1.40 -18.31 -36.80
N ASN A 11 2.57 -17.68 -36.88
CA ASN A 11 2.82 -16.44 -36.16
C ASN A 11 2.06 -15.27 -36.79
N GLU A 12 1.74 -15.41 -38.07
CA GLU A 12 1.00 -14.37 -38.76
C GLU A 12 -0.44 -14.42 -38.27
N HIS A 13 -0.95 -15.63 -38.08
CA HIS A 13 -2.31 -15.79 -37.60
C HIS A 13 -2.39 -15.31 -36.14
N ARG A 14 -1.35 -15.61 -35.36
CA ARG A 14 -1.31 -15.20 -33.97
C ARG A 14 -1.29 -13.68 -33.87
N LEU A 15 -0.50 -13.04 -34.72
CA LEU A 15 -0.40 -11.59 -34.72
C LEU A 15 -1.75 -11.00 -35.12
N THR A 16 -2.33 -11.56 -36.19
CA THR A 16 -3.62 -11.11 -36.69
C THR A 16 -4.74 -11.30 -35.67
N GLN A 17 -4.75 -12.43 -34.97
CA GLN A 17 -5.78 -12.65 -33.97
C GLN A 17 -5.65 -11.68 -32.78
N LEU A 18 -4.43 -11.41 -32.34
CA LEU A 18 -4.23 -10.50 -31.23
C LEU A 18 -4.65 -9.06 -31.56
N LEU A 19 -4.42 -8.65 -32.81
CA LEU A 19 -4.77 -7.31 -33.25
C LEU A 19 -6.28 -7.10 -33.44
N SER A 20 -7.00 -8.18 -33.72
CA SER A 20 -8.44 -8.10 -33.94
C SER A 20 -9.25 -7.68 -32.72
N ILE A 21 -8.65 -7.77 -31.55
CA ILE A 21 -9.35 -7.38 -30.32
C ILE A 21 -9.22 -5.88 -30.08
N ALA A 22 -8.28 -5.25 -30.76
CA ALA A 22 -8.03 -3.83 -30.53
C ALA A 22 -8.43 -2.81 -31.61
N GLU A 23 -8.72 -1.61 -31.15
CA GLU A 23 -9.07 -0.51 -32.04
C GLU A 23 -7.76 0.25 -32.25
N GLU A 24 -6.91 0.23 -31.24
CA GLU A 24 -5.62 0.89 -31.29
C GLU A 24 -4.53 -0.02 -30.72
N CYS A 25 -3.34 0.05 -31.30
CA CYS A 25 -2.23 -0.75 -30.82
C CYS A 25 -0.95 0.07 -30.82
N GLU A 26 -0.28 0.18 -29.68
CA GLU A 26 0.95 0.93 -29.67
C GLU A 26 2.07 0.11 -30.30
N THR A 27 2.24 0.42 -31.58
CA THR A 27 3.21 -0.18 -32.46
C THR A 27 3.03 -1.66 -32.69
N LEU A 28 2.81 -1.96 -33.95
CA LEU A 28 2.65 -3.30 -34.48
C LEU A 28 4.04 -3.93 -34.41
N ASP A 29 5.07 -3.11 -34.63
CA ASP A 29 6.45 -3.57 -34.62
C ASP A 29 6.80 -4.30 -33.33
N ARG A 30 6.55 -3.66 -32.19
CA ARG A 30 6.84 -4.27 -30.90
C ARG A 30 6.00 -5.53 -30.66
N LEU A 31 4.75 -5.51 -31.12
CA LEU A 31 3.87 -6.67 -30.95
C LEU A 31 4.33 -7.83 -31.84
N LYS A 32 4.75 -7.53 -33.05
CA LYS A 32 5.21 -8.57 -33.97
C LYS A 32 6.45 -9.26 -33.41
N GLN A 33 7.39 -8.48 -32.89
CA GLN A 33 8.60 -9.05 -32.31
C GLN A 33 8.20 -10.04 -31.21
N LEU A 34 7.35 -9.58 -30.30
CA LEU A 34 6.88 -10.43 -29.20
C LEU A 34 6.28 -11.73 -29.72
N VAL A 35 5.36 -11.60 -30.67
CA VAL A 35 4.72 -12.77 -31.26
C VAL A 35 5.75 -13.66 -31.96
N ASP A 36 6.64 -13.05 -32.73
CA ASP A 36 7.65 -13.81 -33.45
C ASP A 36 8.65 -14.50 -32.52
N SER A 37 8.89 -13.91 -31.35
CA SER A 37 9.83 -14.49 -30.39
C SER A 37 9.36 -15.90 -30.01
N GLY A 38 8.07 -16.14 -30.14
CA GLY A 38 7.50 -17.44 -29.83
C GLY A 38 7.45 -17.77 -28.36
N ARG A 39 7.84 -16.82 -27.50
CA ARG A 39 7.84 -17.06 -26.06
C ARG A 39 6.50 -16.75 -25.40
N ILE A 40 6.23 -17.44 -24.29
CA ILE A 40 4.99 -17.23 -23.56
C ILE A 40 5.02 -15.77 -23.12
N PHE A 41 3.90 -15.08 -23.23
CA PHE A 41 3.84 -13.68 -22.85
C PHE A 41 2.70 -13.43 -21.88
N THR A 42 2.69 -12.25 -21.27
CA THR A 42 1.65 -11.90 -20.32
C THR A 42 0.88 -10.66 -20.74
N ALA A 43 -0.39 -10.64 -20.36
CA ALA A 43 -1.26 -9.51 -20.66
C ALA A 43 -2.08 -9.29 -19.40
N TYR A 44 -2.57 -8.07 -19.21
CA TYR A 44 -3.38 -7.82 -18.04
C TYR A 44 -4.48 -6.83 -18.34
N ASN A 45 -5.54 -6.93 -17.55
CA ASN A 45 -6.67 -6.04 -17.65
C ASN A 45 -7.10 -5.78 -16.22
N GLY A 46 -7.43 -4.53 -15.91
CA GLY A 46 -7.83 -4.21 -14.57
C GLY A 46 -9.16 -3.46 -14.53
N PHE A 47 -9.87 -3.57 -13.42
CA PHE A 47 -11.14 -2.89 -13.26
C PHE A 47 -11.45 -2.69 -11.79
N GLU A 48 -12.27 -1.69 -11.50
CA GLU A 48 -12.70 -1.41 -10.14
C GLU A 48 -14.07 -2.03 -9.99
N PRO A 49 -14.26 -2.90 -8.98
CA PRO A 49 -15.58 -3.50 -8.80
C PRO A 49 -16.64 -2.42 -8.70
N SER A 50 -17.85 -2.73 -9.14
CA SER A 50 -18.95 -1.77 -9.11
C SER A 50 -20.26 -2.48 -8.78
N GLY A 51 -21.28 -1.71 -8.43
CA GLY A 51 -22.57 -2.29 -8.10
C GLY A 51 -23.16 -3.17 -9.20
N ARG A 52 -22.96 -2.78 -10.45
CA ARG A 52 -23.46 -3.52 -11.60
C ARG A 52 -22.37 -3.63 -12.66
N ILE A 53 -22.45 -4.63 -13.52
CA ILE A 53 -21.47 -4.81 -14.57
C ILE A 53 -22.06 -4.74 -15.97
N HIS A 54 -21.57 -3.80 -16.78
CA HIS A 54 -22.03 -3.64 -18.15
C HIS A 54 -21.80 -4.94 -18.91
N ILE A 55 -22.71 -5.29 -19.79
CA ILE A 55 -22.56 -6.50 -20.58
C ILE A 55 -21.31 -6.34 -21.44
N ALA A 56 -21.03 -5.10 -21.84
CA ALA A 56 -19.87 -4.81 -22.67
C ALA A 56 -18.57 -5.26 -22.01
N GLN A 57 -18.36 -4.83 -20.76
CA GLN A 57 -17.15 -5.19 -20.03
C GLN A 57 -17.05 -6.68 -19.83
N ALA A 58 -18.16 -7.31 -19.47
CA ALA A 58 -18.18 -8.74 -19.22
C ALA A 58 -17.74 -9.55 -20.44
N LEU A 59 -18.42 -9.35 -21.56
CA LEU A 59 -18.11 -10.09 -22.78
C LEU A 59 -16.76 -9.77 -23.39
N ILE A 60 -16.41 -8.50 -23.43
CA ILE A 60 -15.14 -8.09 -24.00
C ILE A 60 -13.96 -8.63 -23.19
N THR A 61 -14.10 -8.64 -21.86
CA THR A 61 -13.03 -9.14 -21.00
C THR A 61 -12.86 -10.63 -21.24
N VAL A 62 -13.98 -11.35 -21.35
CA VAL A 62 -13.93 -12.79 -21.58
C VAL A 62 -13.40 -13.10 -22.98
N MET A 63 -13.91 -12.39 -23.99
CA MET A 63 -13.45 -12.64 -25.36
C MET A 63 -11.97 -12.32 -25.54
N ASN A 64 -11.53 -11.16 -25.04
CA ASN A 64 -10.12 -10.77 -25.16
C ASN A 64 -9.21 -11.73 -24.40
N THR A 65 -9.62 -12.10 -23.19
CA THR A 65 -8.84 -13.01 -22.37
C THR A 65 -8.66 -14.35 -23.07
N ASN A 66 -9.76 -14.94 -23.52
CA ASN A 66 -9.70 -16.22 -24.22
C ASN A 66 -8.86 -16.15 -25.50
N ASN A 67 -8.87 -15.00 -26.17
CA ASN A 67 -8.08 -14.84 -27.39
C ASN A 67 -6.59 -14.78 -27.04
N MET A 68 -6.25 -14.02 -26.00
CA MET A 68 -4.86 -13.90 -25.56
C MET A 68 -4.26 -15.27 -25.30
N ILE A 69 -4.94 -16.04 -24.46
CA ILE A 69 -4.51 -17.38 -24.11
C ILE A 69 -4.37 -18.26 -25.34
N GLU A 70 -5.34 -18.18 -26.25
CA GLU A 70 -5.30 -18.98 -27.46
C GLU A 70 -4.11 -18.62 -28.33
N CYS A 71 -3.54 -17.43 -28.12
CA CYS A 71 -2.39 -16.99 -28.89
C CYS A 71 -1.08 -17.22 -28.13
N GLY A 72 -1.15 -18.05 -27.09
CA GLY A 72 0.04 -18.35 -26.31
C GLY A 72 0.36 -17.41 -25.16
N GLY A 73 -0.64 -16.71 -24.65
CA GLY A 73 -0.39 -15.80 -23.55
C GLY A 73 -1.03 -16.19 -22.24
N GLN A 74 -0.68 -15.47 -21.18
CA GLN A 74 -1.23 -15.69 -19.85
C GLN A 74 -1.90 -14.39 -19.44
N MET A 75 -3.14 -14.48 -19.01
CA MET A 75 -3.88 -13.29 -18.62
C MET A 75 -3.90 -13.05 -17.11
N ILE A 76 -3.70 -11.79 -16.73
CA ILE A 76 -3.75 -11.40 -15.33
C ILE A 76 -4.91 -10.42 -15.25
N ILE A 77 -5.88 -10.72 -14.39
CA ILE A 77 -7.03 -9.85 -14.21
C ILE A 77 -6.82 -9.19 -12.85
N TYR A 78 -6.62 -7.88 -12.89
CA TYR A 78 -6.35 -7.10 -11.69
C TYR A 78 -7.61 -6.47 -11.10
N ILE A 79 -8.03 -6.98 -9.95
CA ILE A 79 -9.22 -6.46 -9.26
C ILE A 79 -8.79 -5.30 -8.37
N ALA A 80 -9.00 -4.08 -8.87
CA ALA A 80 -8.61 -2.88 -8.16
C ALA A 80 -9.49 -2.47 -6.98
N ASP A 81 -9.74 -3.40 -6.06
CA ASP A 81 -10.58 -3.10 -4.90
C ASP A 81 -10.06 -1.90 -4.12
N TRP A 82 -8.75 -1.85 -3.90
CA TRP A 82 -8.09 -0.77 -3.16
C TRP A 82 -8.38 0.58 -3.81
N PHE A 83 -8.25 0.63 -5.13
CA PHE A 83 -8.51 1.87 -5.87
C PHE A 83 -9.99 2.22 -5.83
N ALA A 84 -10.85 1.20 -5.89
CA ALA A 84 -12.29 1.42 -5.85
C ALA A 84 -12.63 2.19 -4.56
N LYS A 85 -12.01 1.78 -3.46
CA LYS A 85 -12.25 2.45 -2.17
C LYS A 85 -11.71 3.87 -2.21
N MET A 86 -10.50 4.03 -2.73
CA MET A 86 -9.89 5.36 -2.83
C MET A 86 -10.81 6.26 -3.65
N ASN A 87 -11.51 5.68 -4.62
CA ASN A 87 -12.42 6.43 -5.48
C ASN A 87 -13.82 6.47 -4.87
N LEU A 88 -13.93 5.99 -3.64
CA LEU A 88 -15.18 6.00 -2.89
C LEU A 88 -16.35 5.16 -3.42
N LYS A 89 -16.08 4.13 -4.21
CA LYS A 89 -17.16 3.30 -4.70
C LYS A 89 -17.82 2.62 -3.51
N MET A 90 -19.15 2.67 -3.45
CA MET A 90 -19.89 2.07 -2.35
C MET A 90 -19.55 2.84 -1.07
N ASN A 91 -19.24 4.12 -1.24
CA ASN A 91 -18.89 5.01 -0.14
C ASN A 91 -17.60 4.63 0.59
N GLY A 92 -16.80 3.78 -0.03
CA GLY A 92 -15.55 3.38 0.58
C GLY A 92 -15.58 2.08 1.35
N ASP A 93 -16.75 1.44 1.42
CA ASP A 93 -16.85 0.18 2.14
C ASP A 93 -16.10 -0.91 1.39
N ILE A 94 -14.98 -1.34 1.95
CA ILE A 94 -14.14 -2.36 1.34
C ILE A 94 -14.80 -3.73 1.27
N ASN A 95 -15.61 -4.07 2.27
CA ASN A 95 -16.27 -5.38 2.30
C ASN A 95 -17.24 -5.57 1.13
N LYS A 96 -17.98 -4.53 0.78
CA LYS A 96 -18.93 -4.61 -0.32
C LYS A 96 -18.16 -4.66 -1.65
N ILE A 97 -17.11 -3.85 -1.73
CA ILE A 97 -16.30 -3.80 -2.93
C ILE A 97 -15.75 -5.17 -3.28
N ARG A 98 -15.10 -5.83 -2.33
CA ARG A 98 -14.54 -7.15 -2.59
C ARG A 98 -15.65 -8.16 -2.93
N GLU A 99 -16.80 -7.99 -2.31
CA GLU A 99 -17.95 -8.88 -2.57
C GLU A 99 -18.37 -8.68 -4.03
N LEU A 100 -18.38 -7.44 -4.48
CA LEU A 100 -18.74 -7.14 -5.87
C LEU A 100 -17.64 -7.68 -6.78
N GLY A 101 -16.40 -7.61 -6.31
CA GLY A 101 -15.29 -8.11 -7.09
C GLY A 101 -15.51 -9.58 -7.39
N ARG A 102 -15.98 -10.32 -6.39
CA ARG A 102 -16.26 -11.74 -6.55
C ARG A 102 -17.42 -11.93 -7.52
N TYR A 103 -18.37 -11.00 -7.49
CA TYR A 103 -19.53 -11.02 -8.39
C TYR A 103 -19.03 -10.97 -9.84
N PHE A 104 -18.18 -9.99 -10.14
CA PHE A 104 -17.62 -9.83 -11.48
C PHE A 104 -16.93 -11.12 -11.92
N ILE A 105 -16.15 -11.71 -11.03
CA ILE A 105 -15.45 -12.94 -11.35
C ILE A 105 -16.42 -14.07 -11.68
N GLU A 106 -17.51 -14.19 -10.93
CA GLU A 106 -18.47 -15.25 -11.22
C GLU A 106 -19.17 -15.00 -12.56
N VAL A 107 -19.31 -13.72 -12.92
CA VAL A 107 -19.91 -13.37 -14.21
C VAL A 107 -18.95 -13.78 -15.33
N PHE A 108 -17.66 -13.51 -15.17
CA PHE A 108 -16.66 -13.89 -16.18
C PHE A 108 -16.68 -15.41 -16.36
N LYS A 109 -16.81 -16.11 -15.24
CA LYS A 109 -16.83 -17.57 -15.27
C LYS A 109 -18.09 -18.08 -15.95
N ALA A 110 -19.22 -17.45 -15.65
CA ALA A 110 -20.49 -17.84 -16.23
C ALA A 110 -20.42 -17.68 -17.75
N CYS A 111 -19.74 -16.64 -18.20
CA CYS A 111 -19.61 -16.36 -19.63
C CYS A 111 -18.49 -17.18 -20.28
N GLY A 112 -17.90 -18.10 -19.51
CA GLY A 112 -16.86 -18.96 -20.06
C GLY A 112 -15.41 -18.49 -20.16
N ILE A 113 -14.97 -17.61 -19.26
CA ILE A 113 -13.57 -17.18 -19.32
C ILE A 113 -12.71 -18.43 -19.10
N ASN A 114 -11.54 -18.46 -19.71
CA ASN A 114 -10.65 -19.62 -19.61
C ASN A 114 -9.73 -19.52 -18.38
N LEU A 115 -10.17 -20.14 -17.29
CA LEU A 115 -9.43 -20.11 -16.03
C LEU A 115 -8.06 -20.78 -16.09
N ASP A 116 -7.88 -21.72 -17.00
CA ASP A 116 -6.59 -22.41 -17.13
C ASP A 116 -5.45 -21.48 -17.54
N GLY A 117 -5.79 -20.31 -18.09
CA GLY A 117 -4.76 -19.38 -18.50
C GLY A 117 -5.00 -18.00 -17.90
N THR A 118 -5.87 -17.96 -16.91
CA THR A 118 -6.22 -16.72 -16.24
C THR A 118 -5.86 -16.75 -14.77
N ARG A 119 -5.38 -15.62 -14.26
CA ARG A 119 -4.98 -15.51 -12.87
C ARG A 119 -5.53 -14.20 -12.32
N PHE A 120 -6.18 -14.27 -11.17
CA PHE A 120 -6.75 -13.06 -10.56
C PHE A 120 -5.83 -12.54 -9.46
N ILE A 121 -5.69 -11.22 -9.40
CA ILE A 121 -4.85 -10.58 -8.38
C ILE A 121 -5.63 -9.40 -7.80
N TRP A 122 -5.79 -9.38 -6.48
CA TRP A 122 -6.51 -8.29 -5.82
C TRP A 122 -5.52 -7.21 -5.42
N ALA A 123 -5.88 -5.95 -5.65
CA ALA A 123 -5.01 -4.82 -5.34
C ALA A 123 -4.67 -4.66 -3.86
N SER A 124 -5.68 -4.67 -3.00
CA SER A 124 -5.46 -4.52 -1.57
C SER A 124 -4.36 -5.45 -1.07
N GLU A 125 -4.42 -6.72 -1.47
CA GLU A 125 -3.44 -7.70 -1.04
C GLU A 125 -2.09 -7.50 -1.73
N PHE A 126 -2.12 -7.19 -3.02
CA PHE A 126 -0.88 -6.99 -3.75
C PHE A 126 -0.06 -5.82 -3.18
N ILE A 127 -0.74 -4.72 -2.87
CA ILE A 127 -0.09 -3.53 -2.33
C ILE A 127 0.55 -3.80 -0.96
N ALA A 128 -0.14 -4.58 -0.13
CA ALA A 128 0.35 -4.90 1.20
C ALA A 128 1.56 -5.85 1.18
N SER A 129 1.68 -6.63 0.11
CA SER A 129 2.79 -7.58 -0.02
C SER A 129 3.94 -7.12 -0.90
N ASN A 130 3.74 -6.08 -1.69
CA ASN A 130 4.79 -5.63 -2.60
C ASN A 130 5.15 -4.16 -2.50
N PRO A 131 6.12 -3.83 -1.65
CA PRO A 131 6.58 -2.45 -1.43
C PRO A 131 7.08 -1.78 -2.72
N SER A 132 7.72 -2.57 -3.58
CA SER A 132 8.25 -2.06 -4.84
C SER A 132 7.14 -1.43 -5.70
N TYR A 133 5.93 -1.96 -5.59
CA TYR A 133 4.78 -1.45 -6.34
C TYR A 133 4.58 0.02 -6.04
N ILE A 134 4.57 0.36 -4.75
CA ILE A 134 4.39 1.74 -4.32
C ILE A 134 5.59 2.60 -4.74
N GLU A 135 6.78 2.04 -4.66
CA GLU A 135 7.98 2.78 -5.05
C GLU A 135 7.87 3.13 -6.52
N ARG A 136 7.37 2.18 -7.32
CA ARG A 136 7.22 2.40 -8.75
C ARG A 136 6.31 3.62 -8.97
N MET A 137 5.20 3.68 -8.24
CA MET A 137 4.27 4.80 -8.36
C MET A 137 5.01 6.11 -8.11
N LEU A 138 5.82 6.12 -7.05
CA LEU A 138 6.58 7.31 -6.69
C LEU A 138 7.58 7.68 -7.78
N ASP A 139 8.27 6.68 -8.32
CA ASP A 139 9.24 6.96 -9.36
C ASP A 139 8.56 7.50 -10.61
N ILE A 140 7.41 6.93 -10.96
CA ILE A 140 6.68 7.40 -12.14
C ILE A 140 6.17 8.82 -11.90
N ALA A 141 5.75 9.10 -10.68
CA ALA A 141 5.24 10.43 -10.36
C ALA A 141 6.36 11.48 -10.47
N GLU A 142 7.59 11.09 -10.14
CA GLU A 142 8.72 12.02 -10.23
C GLU A 142 9.02 12.31 -11.69
N PHE A 143 8.98 11.27 -12.52
CA PHE A 143 9.24 11.42 -13.95
C PHE A 143 8.23 12.39 -14.55
N SER A 144 6.96 12.16 -14.24
CA SER A 144 5.88 13.00 -14.74
C SER A 144 5.96 14.43 -14.24
N THR A 145 6.46 14.62 -13.01
CA THR A 145 6.57 15.96 -12.46
C THR A 145 7.75 16.69 -13.09
N ILE A 146 8.87 16.00 -13.25
CA ILE A 146 10.05 16.61 -13.85
C ILE A 146 9.82 16.93 -15.32
N SER A 147 8.95 16.15 -15.97
CA SER A 147 8.63 16.39 -17.38
C SER A 147 7.92 17.73 -17.53
N ARG A 148 7.01 18.02 -16.60
CA ARG A 148 6.25 19.28 -16.64
C ARG A 148 7.16 20.45 -16.26
N VAL A 149 7.89 20.29 -15.15
CA VAL A 149 8.79 21.33 -14.68
C VAL A 149 9.85 21.62 -15.74
N LYS A 150 10.01 20.70 -16.67
CA LYS A 150 10.97 20.86 -17.75
C LYS A 150 10.26 21.53 -18.92
N ARG A 151 9.25 22.32 -18.60
CA ARG A 151 8.47 23.04 -19.60
C ARG A 151 8.32 24.52 -19.22
N ILE A 169 -3.26 15.39 -8.76
CA ILE A 169 -3.44 14.43 -9.83
C ILE A 169 -2.30 13.40 -9.87
N PHE A 170 -2.50 12.27 -9.22
CA PHE A 170 -1.48 11.22 -9.18
C PHE A 170 -2.10 9.91 -9.67
N TYR A 171 -3.41 9.91 -9.82
CA TYR A 171 -4.14 8.73 -10.28
C TYR A 171 -3.51 8.03 -11.48
N PRO A 172 -3.01 8.81 -12.47
CA PRO A 172 -2.38 8.18 -13.64
C PRO A 172 -1.06 7.49 -13.32
N CYS A 173 -0.24 8.11 -12.49
CA CYS A 173 1.04 7.54 -12.11
C CYS A 173 0.83 6.25 -11.34
N MET A 174 -0.25 6.20 -10.56
CA MET A 174 -0.55 5.02 -9.76
C MET A 174 -0.92 3.81 -10.63
N GLN A 175 -1.86 4.00 -11.56
CA GLN A 175 -2.28 2.91 -12.42
C GLN A 175 -1.16 2.49 -13.36
N ALA A 176 -0.32 3.44 -13.76
CA ALA A 176 0.80 3.19 -14.67
C ALA A 176 1.84 2.21 -14.13
N ALA A 177 1.92 2.10 -12.81
CA ALA A 177 2.89 1.21 -12.16
C ALA A 177 2.47 -0.25 -12.37
N ASP A 178 1.17 -0.47 -12.53
CA ASP A 178 0.62 -1.81 -12.70
C ASP A 178 1.34 -2.66 -13.73
N VAL A 179 1.53 -2.13 -14.94
CA VAL A 179 2.17 -2.88 -16.00
C VAL A 179 3.61 -3.25 -15.70
N PHE A 180 4.24 -2.53 -14.76
CA PHE A 180 5.62 -2.84 -14.42
C PHE A 180 5.77 -3.75 -13.21
N GLU A 181 4.79 -3.74 -12.32
CA GLU A 181 4.90 -4.52 -11.08
C GLU A 181 4.04 -5.76 -10.91
N LEU A 182 2.90 -5.85 -11.60
CA LEU A 182 2.03 -7.01 -11.46
C LEU A 182 2.79 -8.33 -11.59
N VAL A 183 3.87 -8.33 -12.37
CA VAL A 183 4.72 -9.51 -12.52
C VAL A 183 6.16 -9.01 -12.43
N PRO A 184 7.08 -9.85 -11.93
CA PRO A 184 8.49 -9.44 -11.82
C PRO A 184 9.12 -8.81 -13.05
N GLU A 185 9.07 -9.52 -14.18
CA GLU A 185 9.67 -9.01 -15.41
C GLU A 185 8.79 -7.96 -16.11
N GLY A 186 7.69 -7.59 -15.48
CA GLY A 186 6.79 -6.61 -16.06
C GLY A 186 5.83 -7.23 -17.07
N ILE A 187 4.59 -6.76 -17.10
CA ILE A 187 3.60 -7.29 -18.03
C ILE A 187 3.95 -6.88 -19.46
N ASP A 188 3.80 -7.81 -20.40
CA ASP A 188 4.10 -7.54 -21.80
C ASP A 188 3.02 -6.68 -22.48
N ILE A 189 1.76 -7.05 -22.26
CA ILE A 189 0.64 -6.33 -22.88
C ILE A 189 -0.41 -5.76 -21.94
N CYS A 190 -0.68 -4.47 -22.11
CA CYS A 190 -1.70 -3.76 -21.34
C CYS A 190 -2.97 -3.79 -22.20
N GLN A 191 -3.96 -4.59 -21.79
CA GLN A 191 -5.21 -4.71 -22.52
C GLN A 191 -6.36 -4.00 -21.83
N LEU A 192 -6.54 -2.71 -22.13
CA LEU A 192 -7.61 -1.91 -21.52
C LEU A 192 -8.48 -1.23 -22.58
N GLY A 193 -9.54 -0.57 -22.11
CA GLY A 193 -10.42 0.15 -23.02
C GLY A 193 -9.65 1.35 -23.51
N ILE A 194 -9.93 1.79 -24.73
CA ILE A 194 -9.21 2.93 -25.29
C ILE A 194 -9.38 4.21 -24.48
N ASP A 195 -10.42 4.27 -23.65
CA ASP A 195 -10.63 5.47 -22.83
C ASP A 195 -9.52 5.66 -21.82
N GLN A 196 -8.65 4.66 -21.69
CA GLN A 196 -7.54 4.74 -20.75
C GLN A 196 -6.17 4.76 -21.41
N ARG A 197 -6.12 5.33 -22.61
CA ARG A 197 -4.87 5.40 -23.36
C ARG A 197 -3.81 6.31 -22.74
N LYS A 198 -4.24 7.37 -22.04
CA LYS A 198 -3.29 8.28 -21.41
C LYS A 198 -2.38 7.58 -20.40
N VAL A 199 -2.94 6.63 -19.65
CA VAL A 199 -2.16 5.92 -18.65
C VAL A 199 -1.09 5.06 -19.28
N ASN A 200 -1.45 4.34 -20.35
CA ASN A 200 -0.48 3.48 -21.02
C ASN A 200 0.59 4.32 -21.70
N MET A 201 0.21 5.48 -22.24
CA MET A 201 1.16 6.35 -22.90
C MET A 201 2.19 6.88 -21.90
N LEU A 202 1.74 7.16 -20.67
CA LEU A 202 2.65 7.64 -19.63
C LEU A 202 3.65 6.53 -19.36
N ALA A 203 3.13 5.32 -19.16
CA ALA A 203 3.97 4.15 -18.89
C ALA A 203 5.02 3.96 -19.99
N ILE A 204 4.63 4.19 -21.23
CA ILE A 204 5.56 4.03 -22.35
C ILE A 204 6.65 5.10 -22.33
N GLU A 205 6.27 6.34 -22.07
CA GLU A 205 7.25 7.42 -22.00
C GLU A 205 8.21 7.11 -20.86
N TYR A 206 7.63 6.83 -19.69
CA TYR A 206 8.41 6.51 -18.50
C TYR A 206 9.40 5.38 -18.79
N ALA A 207 8.88 4.30 -19.37
CA ALA A 207 9.72 3.15 -19.69
C ALA A 207 10.88 3.48 -20.61
N ASN A 208 10.66 4.41 -21.54
CA ASN A 208 11.72 4.79 -22.47
C ASN A 208 12.82 5.56 -21.74
N ASP A 209 12.43 6.48 -20.88
CA ASP A 209 13.37 7.28 -20.13
C ASP A 209 14.20 6.46 -19.16
N ARG A 210 13.60 5.44 -18.55
CA ARG A 210 14.33 4.60 -17.59
C ARG A 210 14.90 3.32 -18.19
N GLY A 211 14.89 3.22 -19.51
CA GLY A 211 15.43 2.04 -20.17
C GLY A 211 14.83 0.71 -19.77
N LEU A 212 13.51 0.65 -19.65
CA LEU A 212 12.84 -0.60 -19.28
C LEU A 212 12.13 -1.21 -20.48
N LYS A 213 11.69 -2.46 -20.35
CA LYS A 213 10.97 -3.12 -21.43
C LYS A 213 9.81 -2.17 -21.74
N ILE A 214 9.56 -1.91 -23.01
CA ILE A 214 8.47 -1.01 -23.37
C ILE A 214 7.16 -1.78 -23.37
N PRO A 215 6.19 -1.33 -22.57
CA PRO A 215 4.91 -2.05 -22.55
C PRO A 215 4.13 -1.85 -23.85
N ILE A 216 3.43 -2.89 -24.27
CA ILE A 216 2.62 -2.85 -25.48
C ILE A 216 1.15 -2.69 -25.12
N SER A 217 0.46 -1.75 -25.76
CA SER A 217 -0.95 -1.56 -25.47
C SER A 217 -1.82 -2.11 -26.59
N LEU A 218 -2.87 -2.81 -26.20
CA LEU A 218 -3.84 -3.40 -27.11
C LEU A 218 -5.16 -2.89 -26.55
N SER A 219 -5.59 -1.73 -27.02
CA SER A 219 -6.81 -1.09 -26.52
C SER A 219 -8.08 -1.36 -27.33
N HIS A 220 -9.14 -1.77 -26.63
CA HIS A 220 -10.41 -2.08 -27.29
C HIS A 220 -11.40 -0.93 -27.38
N HIS A 221 -12.32 -1.06 -28.33
CA HIS A 221 -13.37 -0.07 -28.57
C HIS A 221 -14.34 0.05 -27.40
N MET A 222 -14.73 1.26 -27.06
CA MET A 222 -15.70 1.48 -25.97
C MET A 222 -17.09 1.55 -26.61
N LEU A 223 -17.99 0.67 -26.17
CA LEU A 223 -19.35 0.61 -26.71
C LEU A 223 -20.15 1.89 -26.42
N MET A 224 -20.81 2.45 -27.42
CA MET A 224 -21.57 3.67 -27.15
C MET A 224 -22.86 3.42 -26.37
N SER A 225 -23.39 4.51 -25.81
CA SER A 225 -24.60 4.46 -25.02
C SER A 225 -25.84 4.18 -25.88
N LEU A 226 -26.74 3.36 -25.35
CA LEU A 226 -27.97 3.05 -26.04
C LEU A 226 -28.83 4.30 -26.19
N SER A 227 -28.51 5.34 -25.42
CA SER A 227 -29.26 6.59 -25.45
C SER A 227 -28.89 7.50 -26.64
N GLY A 228 -27.71 7.31 -27.20
CA GLY A 228 -27.30 8.15 -28.32
C GLY A 228 -25.79 8.28 -28.45
N PRO A 229 -25.30 8.62 -29.66
CA PRO A 229 -23.88 8.79 -29.95
C PRO A 229 -23.18 9.86 -29.13
N LYS A 230 -23.94 10.79 -28.59
CA LYS A 230 -23.40 11.88 -27.79
C LYS A 230 -23.53 11.61 -26.28
N LYS A 231 -24.60 10.92 -25.90
CA LYS A 231 -24.84 10.60 -24.50
C LYS A 231 -23.63 9.93 -23.85
N LYS A 232 -23.42 10.21 -22.57
CA LYS A 232 -22.29 9.64 -21.84
C LYS A 232 -22.77 8.57 -20.86
N MET A 233 -21.91 7.60 -20.58
CA MET A 233 -22.24 6.54 -19.64
C MET A 233 -22.20 7.08 -18.21
N SER A 234 -23.25 6.84 -17.45
CA SER A 234 -23.32 7.31 -16.07
C SER A 234 -24.57 6.77 -15.38
N LYS A 235 -24.55 6.73 -14.05
CA LYS A 235 -25.70 6.24 -13.31
C LYS A 235 -26.90 7.15 -13.57
N SER A 236 -26.68 8.22 -14.31
CA SER A 236 -27.74 9.17 -14.66
C SER A 236 -28.85 8.42 -15.39
N ASP A 237 -28.48 7.72 -16.47
CA ASP A 237 -29.44 6.96 -17.25
C ASP A 237 -29.02 5.50 -17.41
N PRO A 238 -29.47 4.63 -16.49
CA PRO A 238 -29.14 3.22 -16.53
C PRO A 238 -29.73 2.58 -17.80
N GLN A 239 -30.50 3.37 -18.53
CA GLN A 239 -31.13 2.92 -19.76
C GLN A 239 -30.11 2.96 -20.90
N GLY A 240 -29.00 3.67 -20.68
CA GLY A 240 -27.97 3.79 -21.70
C GLY A 240 -27.13 2.55 -21.89
N ALA A 241 -27.35 1.53 -21.07
CA ALA A 241 -26.58 0.31 -21.20
C ALA A 241 -27.29 -0.91 -20.64
N ILE A 242 -26.88 -2.08 -21.13
CA ILE A 242 -27.43 -3.36 -20.68
C ILE A 242 -26.49 -3.88 -19.60
N PHE A 243 -27.07 -4.33 -18.49
CA PHE A 243 -26.30 -4.86 -17.38
C PHE A 243 -26.58 -6.34 -17.23
N MET A 244 -25.64 -7.08 -16.64
CA MET A 244 -25.82 -8.52 -16.47
C MET A 244 -26.89 -8.87 -15.44
N ASP A 245 -27.45 -7.86 -14.81
CA ASP A 245 -28.50 -8.08 -13.81
C ASP A 245 -29.87 -7.71 -14.38
N ASP A 246 -29.89 -7.10 -15.56
CA ASP A 246 -31.18 -6.73 -16.16
C ASP A 246 -31.98 -7.98 -16.47
N THR A 247 -33.31 -7.91 -16.28
CA THR A 247 -34.18 -9.05 -16.57
C THR A 247 -34.46 -9.07 -18.06
N GLU A 248 -35.01 -10.19 -18.54
CA GLU A 248 -35.33 -10.35 -19.95
C GLU A 248 -36.24 -9.22 -20.42
N GLN A 249 -37.24 -8.88 -19.61
CA GLN A 249 -38.16 -7.80 -19.95
C GLN A 249 -37.40 -6.47 -19.99
N GLU A 250 -36.44 -6.32 -19.08
CA GLU A 250 -35.64 -5.10 -19.02
C GLU A 250 -34.76 -4.87 -20.25
N VAL A 251 -34.10 -5.91 -20.75
CA VAL A 251 -33.26 -5.72 -21.92
C VAL A 251 -34.15 -5.41 -23.11
N SER A 252 -35.25 -6.14 -23.25
CA SER A 252 -36.17 -5.91 -24.37
C SER A 252 -36.62 -4.45 -24.39
N GLU A 253 -36.95 -3.93 -23.22
CA GLU A 253 -37.39 -2.55 -23.11
C GLU A 253 -36.27 -1.57 -23.45
N LYS A 254 -35.07 -1.83 -22.94
CA LYS A 254 -33.94 -0.96 -23.22
C LYS A 254 -33.56 -0.94 -24.70
N ILE A 255 -33.57 -2.10 -25.33
CA ILE A 255 -33.23 -2.20 -26.74
C ILE A 255 -34.33 -1.54 -27.57
N SER A 256 -35.57 -1.81 -27.19
CA SER A 256 -36.72 -1.25 -27.88
C SER A 256 -36.69 0.28 -27.91
N ARG A 257 -36.25 0.88 -26.80
CA ARG A 257 -36.20 2.33 -26.69
C ARG A 257 -34.87 2.95 -27.13
N ALA A 258 -33.90 2.11 -27.50
CA ALA A 258 -32.60 2.61 -27.92
C ALA A 258 -32.64 3.44 -29.19
N TYR A 259 -31.72 4.40 -29.28
CA TYR A 259 -31.57 5.28 -30.43
C TYR A 259 -31.18 4.39 -31.62
N CYS A 260 -31.86 4.55 -32.75
CA CYS A 260 -31.55 3.74 -33.92
C CYS A 260 -32.05 4.37 -35.22
N THR A 261 -31.09 4.75 -36.07
CA THR A 261 -31.39 5.34 -37.36
C THR A 261 -31.19 4.25 -38.40
N ASP A 262 -31.25 4.64 -39.68
CA ASP A 262 -31.04 3.70 -40.78
C ASP A 262 -29.57 3.64 -41.19
N GLU A 263 -28.72 4.44 -40.55
CA GLU A 263 -27.28 4.43 -40.87
C GLU A 263 -26.50 3.69 -39.79
N THR A 264 -25.34 3.17 -40.15
CA THR A 264 -24.52 2.42 -39.21
C THR A 264 -23.70 3.29 -38.27
N PHE A 265 -23.39 4.52 -38.66
CA PHE A 265 -22.62 5.41 -37.80
C PHE A 265 -23.52 6.07 -36.75
N ASP A 266 -22.96 6.43 -35.59
CA ASP A 266 -23.71 7.03 -34.49
C ASP A 266 -24.94 6.20 -34.14
N ASN A 267 -24.85 4.89 -34.33
CA ASN A 267 -25.97 3.99 -34.05
C ASN A 267 -25.56 2.94 -33.02
N PRO A 268 -26.12 3.01 -31.80
CA PRO A 268 -25.77 2.05 -30.74
C PRO A 268 -26.27 0.63 -30.99
N ILE A 269 -27.38 0.49 -31.71
CA ILE A 269 -27.89 -0.84 -32.02
C ILE A 269 -26.84 -1.52 -32.92
N PHE A 270 -26.35 -0.77 -33.92
CA PHE A 270 -25.33 -1.32 -34.80
C PHE A 270 -24.08 -1.71 -33.99
N GLU A 271 -23.68 -0.85 -33.06
CA GLU A 271 -22.50 -1.13 -32.24
C GLU A 271 -22.68 -2.41 -31.46
N TYR A 272 -23.82 -2.61 -30.84
CA TYR A 272 -24.03 -3.84 -30.07
C TYR A 272 -23.92 -5.04 -30.98
N ILE A 273 -24.39 -4.92 -32.22
CA ILE A 273 -24.33 -6.01 -33.18
C ILE A 273 -22.88 -6.30 -33.59
N LYS A 274 -22.17 -5.23 -33.95
CA LYS A 274 -20.78 -5.37 -34.37
C LYS A 274 -19.78 -5.80 -33.30
N TYR A 275 -19.71 -5.05 -32.22
CA TYR A 275 -18.74 -5.35 -31.16
C TYR A 275 -19.08 -6.45 -30.18
N LEU A 276 -20.36 -6.74 -30.02
CA LEU A 276 -20.77 -7.80 -29.11
C LEU A 276 -21.38 -9.04 -29.77
N LEU A 277 -22.54 -8.90 -30.40
CA LEU A 277 -23.22 -10.06 -30.97
C LEU A 277 -22.53 -10.87 -32.07
N LEU A 278 -22.09 -10.22 -33.13
CA LEU A 278 -21.45 -10.94 -34.21
C LEU A 278 -20.18 -11.64 -33.74
N ARG A 279 -19.39 -10.96 -32.92
CA ARG A 279 -18.16 -11.55 -32.41
C ARG A 279 -18.45 -12.71 -31.47
N TRP A 280 -19.43 -12.53 -30.59
CA TRP A 280 -19.78 -13.58 -29.65
C TRP A 280 -20.42 -14.82 -30.29
N PHE A 281 -21.38 -14.62 -31.19
CA PHE A 281 -22.08 -15.73 -31.84
C PHE A 281 -21.51 -16.24 -33.14
N GLY A 282 -20.83 -15.39 -33.90
CA GLY A 282 -20.26 -15.84 -35.16
C GLY A 282 -21.26 -15.82 -36.30
N THR A 283 -22.49 -16.24 -36.03
CA THR A 283 -23.55 -16.24 -37.02
C THR A 283 -24.79 -15.63 -36.39
N LEU A 284 -25.41 -14.70 -37.11
CA LEU A 284 -26.60 -13.99 -36.63
C LEU A 284 -27.74 -14.05 -37.66
N ASN A 285 -28.95 -14.36 -37.19
CA ASN A 285 -30.14 -14.42 -38.03
C ASN A 285 -30.86 -13.12 -37.67
N LEU A 286 -30.75 -12.13 -38.55
CA LEU A 286 -31.34 -10.81 -38.35
C LEU A 286 -32.37 -10.45 -39.42
N CYS A 287 -33.59 -10.12 -39.00
CA CYS A 287 -34.67 -9.75 -39.91
C CYS A 287 -34.81 -10.72 -41.09
N GLY A 288 -34.91 -12.01 -40.79
CA GLY A 288 -35.08 -12.99 -41.85
C GLY A 288 -33.89 -13.31 -42.74
N LYS A 289 -32.67 -12.92 -42.34
CA LYS A 289 -31.48 -13.22 -43.14
C LYS A 289 -30.30 -13.66 -42.25
N ILE A 290 -29.45 -14.53 -42.79
CA ILE A 290 -28.28 -15.03 -42.04
C ILE A 290 -27.02 -14.22 -42.36
N TYR A 291 -26.33 -13.75 -41.33
CA TYR A 291 -25.11 -12.99 -41.52
C TYR A 291 -23.93 -13.61 -40.77
N THR A 292 -22.78 -13.65 -41.44
CA THR A 292 -21.55 -14.17 -40.86
C THR A 292 -20.39 -13.17 -40.98
N ASP A 293 -20.66 -11.99 -41.54
CA ASP A 293 -19.63 -10.96 -41.66
C ASP A 293 -20.26 -9.59 -41.54
N ILE A 294 -19.49 -8.65 -41.01
CA ILE A 294 -19.98 -7.31 -40.78
C ILE A 294 -20.29 -6.48 -42.03
N GLU A 295 -19.61 -6.74 -43.13
CA GLU A 295 -19.90 -5.98 -44.34
C GLU A 295 -21.33 -6.21 -44.83
N SER A 296 -21.76 -7.47 -44.87
CA SER A 296 -23.13 -7.78 -45.32
C SER A 296 -24.15 -7.13 -44.41
N ILE A 297 -23.88 -7.13 -43.10
CA ILE A 297 -24.81 -6.51 -42.17
C ILE A 297 -24.91 -5.02 -42.49
N GLN A 298 -23.77 -4.36 -42.68
CA GLN A 298 -23.72 -2.93 -42.99
C GLN A 298 -24.46 -2.59 -44.28
N GLU A 299 -24.29 -3.40 -45.31
CA GLU A 299 -24.93 -3.14 -46.58
C GLU A 299 -26.45 -3.33 -46.52
N ASP A 300 -26.92 -4.25 -45.68
CA ASP A 300 -28.35 -4.49 -45.54
C ASP A 300 -28.99 -3.64 -44.45
N PHE A 301 -28.17 -2.94 -43.67
CA PHE A 301 -28.70 -2.18 -42.54
C PHE A 301 -29.79 -1.14 -42.78
N SER A 302 -29.60 -0.23 -43.72
CA SER A 302 -30.60 0.80 -43.95
C SER A 302 -31.99 0.23 -44.24
N SER A 303 -32.06 -0.86 -45.01
CA SER A 303 -33.35 -1.42 -45.36
C SER A 303 -33.97 -2.39 -44.34
N MET A 304 -33.26 -2.67 -43.26
CA MET A 304 -33.80 -3.55 -42.22
C MET A 304 -34.94 -2.88 -41.45
N ASN A 305 -36.01 -3.62 -41.16
CA ASN A 305 -37.11 -3.06 -40.37
C ASN A 305 -36.51 -2.98 -38.96
N LYS A 306 -36.31 -1.76 -38.47
CA LYS A 306 -35.68 -1.56 -37.17
C LYS A 306 -36.39 -2.13 -35.95
N ARG A 307 -37.73 -2.15 -35.98
CA ARG A 307 -38.46 -2.72 -34.86
C ARG A 307 -38.23 -4.23 -34.82
N GLU A 308 -38.19 -4.85 -35.99
CA GLU A 308 -37.97 -6.29 -36.05
C GLU A 308 -36.52 -6.65 -35.73
N LEU A 309 -35.60 -5.75 -36.08
CA LEU A 309 -34.18 -5.95 -35.82
C LEU A 309 -33.96 -5.92 -34.31
N LYS A 310 -34.60 -4.97 -33.65
CA LYS A 310 -34.46 -4.82 -32.20
C LYS A 310 -34.94 -6.08 -31.49
N THR A 311 -35.96 -6.71 -32.05
CA THR A 311 -36.48 -7.94 -31.46
C THR A 311 -35.40 -9.02 -31.47
N ASP A 312 -34.73 -9.21 -32.61
CA ASP A 312 -33.68 -10.22 -32.71
C ASP A 312 -32.48 -9.86 -31.82
N VAL A 313 -32.06 -8.60 -31.87
CA VAL A 313 -30.92 -8.14 -31.06
C VAL A 313 -31.19 -8.41 -29.57
N ALA A 314 -32.38 -8.03 -29.10
CA ALA A 314 -32.75 -8.25 -27.71
C ALA A 314 -32.75 -9.75 -27.39
N ASN A 315 -33.23 -10.56 -28.33
CA ASN A 315 -33.26 -12.02 -28.11
C ASN A 315 -31.87 -12.61 -28.00
N TYR A 316 -30.93 -12.17 -28.85
CA TYR A 316 -29.58 -12.70 -28.77
C TYR A 316 -28.91 -12.23 -27.47
N ILE A 317 -29.13 -10.97 -27.09
CA ILE A 317 -28.54 -10.45 -25.86
C ILE A 317 -29.04 -11.28 -24.67
N ASN A 318 -30.35 -11.52 -24.62
CA ASN A 318 -30.91 -12.30 -23.52
C ASN A 318 -30.35 -13.71 -23.44
N THR A 319 -29.95 -14.26 -24.58
CA THR A 319 -29.35 -15.59 -24.59
C THR A 319 -28.01 -15.56 -23.86
N ILE A 320 -27.27 -14.48 -24.03
CA ILE A 320 -25.97 -14.34 -23.38
C ILE A 320 -26.16 -14.17 -21.88
N ILE A 321 -27.07 -13.28 -21.49
CA ILE A 321 -27.32 -13.02 -20.08
C ILE A 321 -27.92 -14.24 -19.38
N ASP A 322 -28.61 -15.10 -20.13
CA ASP A 322 -29.19 -16.31 -19.55
C ASP A 322 -28.08 -17.17 -18.94
N LEU A 323 -26.86 -17.04 -19.48
CA LEU A 323 -25.72 -17.79 -18.96
C LEU A 323 -25.47 -17.39 -17.50
N VAL A 324 -25.55 -16.09 -17.23
CA VAL A 324 -25.32 -15.58 -15.89
C VAL A 324 -26.49 -15.87 -14.97
N ARG A 325 -27.72 -15.70 -15.47
CA ARG A 325 -28.92 -15.97 -14.68
C ARG A 325 -28.90 -17.42 -14.22
N GLU A 326 -28.51 -18.32 -15.11
CA GLU A 326 -28.44 -19.73 -14.79
C GLU A 326 -27.33 -20.00 -13.77
N HIS A 327 -26.18 -19.39 -14.01
CA HIS A 327 -25.03 -19.56 -13.13
C HIS A 327 -25.34 -19.19 -11.70
N PHE A 328 -26.10 -18.12 -11.49
CA PHE A 328 -26.44 -17.69 -10.14
C PHE A 328 -27.61 -18.43 -9.51
N LYS A 329 -27.98 -19.57 -10.08
CA LYS A 329 -29.05 -20.38 -9.52
C LYS A 329 -28.40 -21.45 -8.66
N LYS A 330 -27.09 -21.60 -8.82
CA LYS A 330 -26.35 -22.59 -8.05
C LYS A 330 -26.51 -22.22 -6.57
N PRO A 331 -26.76 -23.21 -5.71
CA PRO A 331 -26.92 -22.96 -4.28
C PRO A 331 -25.71 -22.31 -3.60
N GLU A 332 -24.52 -22.71 -4.03
CA GLU A 332 -23.29 -22.17 -3.46
C GLU A 332 -23.17 -20.66 -3.61
N LEU A 333 -23.89 -20.09 -4.58
CA LEU A 333 -23.82 -18.65 -4.81
C LEU A 333 -25.02 -17.86 -4.28
N SER A 334 -25.93 -18.54 -3.60
CA SER A 334 -27.11 -17.88 -3.05
C SER A 334 -26.69 -16.74 -2.14
N GLU A 335 -25.54 -16.90 -1.48
CA GLU A 335 -24.99 -15.89 -0.58
C GLU A 335 -24.59 -14.64 -1.36
N LEU A 336 -23.74 -14.83 -2.36
CA LEU A 336 -23.27 -13.74 -3.20
C LEU A 336 -24.46 -13.02 -3.84
N LEU A 337 -25.36 -13.81 -4.40
CA LEU A 337 -26.56 -13.28 -5.05
C LEU A 337 -27.29 -12.30 -4.16
N SER A 338 -27.66 -12.75 -2.96
CA SER A 338 -28.38 -11.92 -2.00
C SER A 338 -27.64 -10.64 -1.66
N ASN A 339 -26.34 -10.76 -1.42
CA ASN A 339 -25.52 -9.59 -1.09
C ASN A 339 -25.53 -8.54 -2.19
N VAL A 340 -25.20 -8.95 -3.40
CA VAL A 340 -25.16 -8.03 -4.53
C VAL A 340 -26.51 -7.34 -4.68
N LYS A 341 -27.59 -8.13 -4.58
CA LYS A 341 -28.94 -7.58 -4.70
C LYS A 341 -29.20 -6.49 -3.66
N SER A 342 -28.75 -6.72 -2.44
CA SER A 342 -28.95 -5.76 -1.36
C SER A 342 -28.21 -4.45 -1.59
N TYR A 343 -27.08 -4.53 -2.27
CA TYR A 343 -26.27 -3.34 -2.54
C TYR A 343 -26.99 -2.37 -3.48
N GLN A 344 -28.23 -2.68 -3.82
CA GLN A 344 -29.03 -1.84 -4.71
C GLN A 344 -30.11 -1.10 -3.94
N GLN A 345 -30.97 -1.77 -3.32
N THR B 9 -0.90 26.08 36.73
CA THR B 9 0.47 25.58 36.99
C THR B 9 0.58 24.11 36.62
N ASN B 10 -0.57 23.44 36.57
CA ASN B 10 -0.60 22.02 36.22
C ASN B 10 -0.13 21.84 34.78
N ASN B 11 -0.45 22.80 33.93
CA ASN B 11 -0.05 22.75 32.53
C ASN B 11 1.44 23.09 32.40
N GLU B 12 1.99 23.67 33.44
CA GLU B 12 3.41 24.03 33.46
C GLU B 12 4.20 22.76 33.73
N HIS B 13 3.70 21.94 34.66
CA HIS B 13 4.34 20.69 35.01
C HIS B 13 4.27 19.76 33.81
N ARG B 14 3.07 19.57 33.28
CA ARG B 14 2.86 18.71 32.12
C ARG B 14 3.84 19.10 31.02
N LEU B 15 4.06 20.39 30.85
CA LEU B 15 4.98 20.87 29.83
C LEU B 15 6.42 20.51 30.12
N THR B 16 6.87 20.75 31.36
CA THR B 16 8.25 20.43 31.72
C THR B 16 8.51 18.94 31.58
N GLN B 17 7.50 18.13 31.90
CA GLN B 17 7.62 16.68 31.78
C GLN B 17 7.91 16.27 30.35
N LEU B 18 6.96 16.54 29.45
CA LEU B 18 7.10 16.20 28.04
C LEU B 18 8.43 16.68 27.45
N LEU B 19 8.95 17.79 27.99
CA LEU B 19 10.21 18.32 27.49
C LEU B 19 11.43 17.66 28.12
N SER B 20 11.21 16.97 29.24
CA SER B 20 12.30 16.32 29.94
C SER B 20 12.86 15.14 29.14
N ILE B 21 12.04 14.56 28.27
CA ILE B 21 12.46 13.42 27.48
C ILE B 21 13.22 13.82 26.21
N ALA B 22 12.98 15.04 25.74
CA ALA B 22 13.62 15.50 24.52
C ALA B 22 14.93 16.24 24.68
N GLU B 23 15.76 16.15 23.63
CA GLU B 23 17.04 16.82 23.58
C GLU B 23 16.79 18.01 22.66
N GLU B 24 15.77 17.87 21.83
CA GLU B 24 15.37 18.91 20.89
C GLU B 24 13.85 18.87 20.75
N CYS B 25 13.26 20.03 20.51
CA CYS B 25 11.82 20.14 20.35
C CYS B 25 11.51 21.21 19.33
N GLU B 26 10.69 20.89 18.35
CA GLU B 26 10.34 21.88 17.34
C GLU B 26 9.40 22.91 17.93
N THR B 27 10.02 24.01 18.35
CA THR B 27 9.33 25.14 18.96
C THR B 27 8.60 24.68 20.20
N LEU B 28 9.03 25.20 21.35
CA LEU B 28 8.43 24.88 22.62
C LEU B 28 7.06 25.56 22.60
N ASP B 29 6.97 26.64 21.82
CA ASP B 29 5.74 27.41 21.67
C ASP B 29 4.56 26.51 21.29
N ARG B 30 4.67 25.88 20.12
CA ARG B 30 3.62 24.99 19.65
C ARG B 30 3.27 23.93 20.68
N LEU B 31 4.28 23.40 21.35
CA LEU B 31 4.08 22.37 22.37
C LEU B 31 3.35 22.99 23.57
N LYS B 32 3.68 24.25 23.87
CA LYS B 32 3.07 24.95 25.00
C LYS B 32 1.57 25.14 24.77
N GLN B 33 1.20 25.46 23.53
CA GLN B 33 -0.20 25.67 23.18
C GLN B 33 -1.01 24.38 23.31
N LEU B 34 -0.44 23.28 22.84
CA LEU B 34 -1.09 21.97 22.90
C LEU B 34 -1.35 21.59 24.36
N VAL B 35 -0.35 21.80 25.21
CA VAL B 35 -0.47 21.48 26.63
C VAL B 35 -1.49 22.40 27.31
N ASP B 36 -1.45 23.68 26.95
CA ASP B 36 -2.37 24.65 27.53
C ASP B 36 -3.81 24.43 27.10
N SER B 37 -4.01 24.06 25.83
CA SER B 37 -5.36 23.81 25.31
C SER B 37 -6.06 22.78 26.19
N GLY B 38 -5.28 21.95 26.87
CA GLY B 38 -5.83 20.94 27.74
C GLY B 38 -6.62 19.84 27.06
N ARG B 39 -6.51 19.75 25.74
CA ARG B 39 -7.24 18.72 25.01
C ARG B 39 -6.42 17.46 24.81
N ILE B 40 -7.12 16.32 24.75
CA ILE B 40 -6.45 15.05 24.53
C ILE B 40 -5.64 15.21 23.25
N PHE B 41 -4.42 14.68 23.23
CA PHE B 41 -3.56 14.79 22.06
C PHE B 41 -2.94 13.43 21.76
N THR B 42 -2.39 13.30 20.56
CA THR B 42 -1.77 12.05 20.15
C THR B 42 -0.31 12.23 19.79
N ALA B 43 0.46 11.16 20.01
CA ALA B 43 1.88 11.15 19.70
C ALA B 43 2.17 9.79 19.10
N TYR B 44 3.23 9.68 18.33
CA TYR B 44 3.56 8.39 17.75
C TYR B 44 5.04 8.19 17.58
N ASN B 45 5.41 6.93 17.47
CA ASN B 45 6.79 6.55 17.25
C ASN B 45 6.72 5.31 16.37
N GLY B 46 7.67 5.18 15.47
CA GLY B 46 7.68 4.02 14.60
C GLY B 46 9.03 3.35 14.56
N PHE B 47 9.04 2.07 14.18
CA PHE B 47 10.29 1.33 14.09
C PHE B 47 10.12 0.17 13.13
N GLU B 48 11.22 -0.21 12.50
CA GLU B 48 11.23 -1.33 11.58
C GLU B 48 11.75 -2.50 12.42
N PRO B 49 10.97 -3.58 12.53
CA PRO B 49 11.44 -4.72 13.32
C PRO B 49 12.81 -5.17 12.79
N SER B 50 13.65 -5.66 13.69
CA SER B 50 14.97 -6.14 13.32
C SER B 50 15.29 -7.33 14.20
N GLY B 51 16.40 -8.00 13.89
CA GLY B 51 16.79 -9.16 14.66
C GLY B 51 16.84 -8.99 16.16
N ARG B 52 17.36 -7.87 16.63
CA ARG B 52 17.50 -7.62 18.06
C ARG B 52 17.11 -6.20 18.44
N ILE B 53 16.68 -6.01 19.67
CA ILE B 53 16.29 -4.68 20.12
C ILE B 53 17.27 -4.13 21.16
N HIS B 54 17.81 -2.95 20.89
CA HIS B 54 18.74 -2.28 21.80
C HIS B 54 18.02 -1.93 23.09
N ILE B 55 18.74 -1.96 24.21
CA ILE B 55 18.12 -1.60 25.48
C ILE B 55 17.67 -0.13 25.41
N ALA B 56 18.43 0.69 24.70
CA ALA B 56 18.08 2.10 24.57
C ALA B 56 16.71 2.26 23.91
N GLN B 57 16.49 1.60 22.78
CA GLN B 57 15.21 1.70 22.09
C GLN B 57 14.06 1.19 22.95
N ALA B 58 14.24 0.04 23.59
CA ALA B 58 13.19 -0.53 24.43
C ALA B 58 12.80 0.38 25.59
N LEU B 59 13.78 0.80 26.38
CA LEU B 59 13.49 1.65 27.54
C LEU B 59 13.01 3.06 27.20
N ILE B 60 13.65 3.71 26.24
CA ILE B 60 13.26 5.05 25.85
C ILE B 60 11.83 5.07 25.27
N THR B 61 11.48 4.04 24.52
CA THR B 61 10.16 3.93 23.92
C THR B 61 9.13 3.76 25.02
N VAL B 62 9.47 2.97 26.03
CA VAL B 62 8.56 2.73 27.14
C VAL B 62 8.40 3.95 28.03
N MET B 63 9.52 4.59 28.40
CA MET B 63 9.44 5.77 29.25
C MET B 63 8.71 6.93 28.57
N ASN B 64 9.02 7.18 27.30
CA ASN B 64 8.37 8.27 26.58
C ASN B 64 6.88 8.00 26.42
N THR B 65 6.52 6.77 26.08
CA THR B 65 5.12 6.41 25.93
C THR B 65 4.37 6.64 27.24
N ASN B 66 4.83 6.01 28.31
CA ASN B 66 4.18 6.15 29.60
C ASN B 66 4.09 7.60 30.07
N ASN B 67 5.04 8.42 29.64
CA ASN B 67 5.04 9.83 30.01
C ASN B 67 3.97 10.60 29.24
N MET B 68 3.83 10.32 27.94
CA MET B 68 2.84 10.99 27.10
C MET B 68 1.47 10.78 27.72
N ILE B 69 1.15 9.53 28.00
CA ILE B 69 -0.12 9.17 28.59
C ILE B 69 -0.38 9.94 29.89
N GLU B 70 0.56 9.86 30.83
CA GLU B 70 0.42 10.56 32.11
C GLU B 70 0.16 12.05 31.87
N CYS B 71 0.79 12.60 30.84
CA CYS B 71 0.61 14.02 30.52
C CYS B 71 -0.68 14.32 29.74
N GLY B 72 -1.57 13.34 29.68
CA GLY B 72 -2.83 13.53 28.98
C GLY B 72 -2.89 13.19 27.50
N GLY B 73 -1.98 12.37 27.01
CA GLY B 73 -2.00 12.02 25.60
C GLY B 73 -2.27 10.55 25.29
N GLN B 74 -2.31 10.24 24.00
CA GLN B 74 -2.52 8.88 23.53
C GLN B 74 -1.33 8.55 22.65
N MET B 75 -0.77 7.36 22.80
CA MET B 75 0.39 6.97 22.01
C MET B 75 0.09 5.94 20.94
N ILE B 76 0.75 6.11 19.81
CA ILE B 76 0.60 5.20 18.68
C ILE B 76 1.98 4.63 18.39
N ILE B 77 2.10 3.31 18.44
CA ILE B 77 3.37 2.66 18.13
C ILE B 77 3.21 2.07 16.73
N TYR B 78 3.95 2.62 15.77
CA TYR B 78 3.86 2.17 14.39
C TYR B 78 4.91 1.12 14.03
N ILE B 79 4.44 -0.10 13.79
CA ILE B 79 5.33 -1.20 13.43
C ILE B 79 5.47 -1.23 11.91
N ALA B 80 6.57 -0.67 11.42
CA ALA B 80 6.82 -0.58 9.99
C ALA B 80 7.33 -1.86 9.36
N ASP B 81 6.56 -2.94 9.49
CA ASP B 81 6.96 -4.22 8.91
C ASP B 81 7.10 -4.12 7.39
N TRP B 82 6.17 -3.41 6.77
CA TRP B 82 6.16 -3.20 5.32
C TRP B 82 7.47 -2.54 4.88
N PHE B 83 7.89 -1.50 5.60
CA PHE B 83 9.12 -0.80 5.26
C PHE B 83 10.35 -1.67 5.46
N ALA B 84 10.34 -2.50 6.50
CA ALA B 84 11.46 -3.37 6.77
C ALA B 84 11.65 -4.29 5.57
N LYS B 85 10.54 -4.79 5.03
CA LYS B 85 10.59 -5.66 3.86
C LYS B 85 11.20 -4.90 2.69
N MET B 86 10.70 -3.68 2.47
CA MET B 86 11.18 -2.82 1.39
C MET B 86 12.67 -2.56 1.51
N ASN B 87 13.17 -2.52 2.75
CA ASN B 87 14.57 -2.26 3.01
C ASN B 87 15.36 -3.57 3.11
N LEU B 88 14.73 -4.65 2.66
CA LEU B 88 15.33 -5.96 2.63
C LEU B 88 15.80 -6.53 3.96
N LYS B 89 15.28 -6.02 5.07
CA LYS B 89 15.69 -6.57 6.38
C LYS B 89 15.17 -8.00 6.41
N MET B 90 15.91 -8.89 7.06
CA MET B 90 15.52 -10.29 7.14
C MET B 90 15.37 -10.83 5.72
N ASN B 91 16.23 -10.35 4.82
CA ASN B 91 16.21 -10.77 3.43
C ASN B 91 14.80 -10.64 2.81
N GLY B 92 14.02 -9.70 3.33
CA GLY B 92 12.68 -9.48 2.80
C GLY B 92 11.57 -10.42 3.21
N ASP B 93 11.84 -11.34 4.14
CA ASP B 93 10.80 -12.28 4.58
C ASP B 93 9.83 -11.55 5.52
N ILE B 94 8.60 -11.33 5.06
CA ILE B 94 7.58 -10.63 5.84
C ILE B 94 7.11 -11.41 7.08
N ASN B 95 7.15 -12.73 7.01
CA ASN B 95 6.71 -13.55 8.12
C ASN B 95 7.74 -13.50 9.26
N LYS B 96 9.00 -13.37 8.91
CA LYS B 96 10.05 -13.27 9.93
C LYS B 96 10.01 -11.87 10.51
N ILE B 97 9.79 -10.89 9.62
CA ILE B 97 9.72 -9.50 10.05
C ILE B 97 8.59 -9.32 11.04
N ARG B 98 7.44 -9.92 10.76
CA ARG B 98 6.28 -9.82 11.64
C ARG B 98 6.48 -10.52 12.98
N GLU B 99 7.16 -11.66 12.99
CA GLU B 99 7.43 -12.34 14.25
C GLU B 99 8.29 -11.41 15.09
N LEU B 100 9.28 -10.79 14.44
CA LEU B 100 10.18 -9.87 15.13
C LEU B 100 9.40 -8.66 15.66
N GLY B 101 8.40 -8.23 14.91
CA GLY B 101 7.59 -7.10 15.36
C GLY B 101 6.86 -7.48 16.63
N ARG B 102 6.35 -8.72 16.68
CA ARG B 102 5.65 -9.20 17.86
C ARG B 102 6.63 -9.33 19.01
N TYR B 103 7.86 -9.76 18.72
CA TYR B 103 8.87 -9.87 19.76
C TYR B 103 9.11 -8.48 20.37
N PHE B 104 9.26 -7.45 19.54
CA PHE B 104 9.47 -6.09 20.04
C PHE B 104 8.30 -5.69 20.96
N ILE B 105 7.08 -5.94 20.51
CA ILE B 105 5.88 -5.61 21.29
C ILE B 105 5.90 -6.30 22.65
N GLU B 106 6.27 -7.57 22.68
CA GLU B 106 6.33 -8.30 23.93
C GLU B 106 7.42 -7.72 24.85
N VAL B 107 8.50 -7.21 24.27
CA VAL B 107 9.57 -6.61 25.07
C VAL B 107 9.05 -5.34 25.72
N PHE B 108 8.29 -4.53 24.97
CA PHE B 108 7.73 -3.29 25.51
C PHE B 108 6.77 -3.62 26.65
N LYS B 109 6.00 -4.69 26.48
CA LYS B 109 5.06 -5.12 27.52
C LYS B 109 5.80 -5.51 28.79
N ALA B 110 6.79 -6.40 28.65
CA ALA B 110 7.59 -6.85 29.77
C ALA B 110 8.21 -5.69 30.54
N CYS B 111 8.53 -4.62 29.83
CA CYS B 111 9.15 -3.45 30.45
C CYS B 111 8.16 -2.48 31.06
N GLY B 112 6.87 -2.81 30.98
CA GLY B 112 5.85 -1.95 31.58
C GLY B 112 5.20 -0.88 30.74
N ILE B 113 5.20 -1.01 29.42
CA ILE B 113 4.56 -0.01 28.59
C ILE B 113 3.08 0.02 28.99
N ASN B 114 2.50 1.21 29.07
CA ASN B 114 1.10 1.38 29.45
C ASN B 114 0.15 1.14 28.28
N LEU B 115 -0.39 -0.08 28.20
CA LEU B 115 -1.29 -0.47 27.14
C LEU B 115 -2.62 0.29 27.10
N ASP B 116 -3.04 0.85 28.23
CA ASP B 116 -4.31 1.59 28.26
C ASP B 116 -4.31 2.79 27.33
N GLY B 117 -3.17 3.47 27.21
CA GLY B 117 -3.12 4.62 26.33
C GLY B 117 -2.22 4.39 25.13
N THR B 118 -2.00 3.13 24.80
CA THR B 118 -1.14 2.79 23.67
C THR B 118 -1.83 1.89 22.64
N ARG B 119 -1.63 2.22 21.37
CA ARG B 119 -2.22 1.45 20.28
C ARG B 119 -1.13 1.08 19.28
N PHE B 120 -1.13 -0.18 18.86
CA PHE B 120 -0.15 -0.65 17.88
C PHE B 120 -0.76 -0.75 16.48
N ILE B 121 -0.12 -0.12 15.51
CA ILE B 121 -0.59 -0.16 14.13
C ILE B 121 0.48 -0.78 13.24
N TRP B 122 0.10 -1.76 12.43
CA TRP B 122 1.04 -2.41 11.52
C TRP B 122 0.97 -1.77 10.13
N ALA B 123 2.14 -1.43 9.59
CA ALA B 123 2.24 -0.81 8.28
C ALA B 123 1.52 -1.57 7.17
N SER B 124 1.86 -2.84 7.01
CA SER B 124 1.26 -3.65 5.94
C SER B 124 -0.27 -3.65 5.99
N GLU B 125 -0.85 -3.70 7.18
CA GLU B 125 -2.30 -3.70 7.33
C GLU B 125 -2.90 -2.30 7.16
N PHE B 126 -2.17 -1.30 7.63
CA PHE B 126 -2.62 0.08 7.53
C PHE B 126 -2.64 0.54 6.07
N ILE B 127 -1.59 0.18 5.34
CA ILE B 127 -1.47 0.55 3.92
C ILE B 127 -2.61 -0.05 3.09
N ALA B 128 -2.97 -1.30 3.39
CA ALA B 128 -4.03 -1.97 2.66
C ALA B 128 -5.42 -1.41 2.97
N SER B 129 -5.55 -0.73 4.10
CA SER B 129 -6.84 -0.19 4.50
C SER B 129 -7.02 1.31 4.30
N ASN B 130 -5.93 2.03 4.01
CA ASN B 130 -6.06 3.47 3.85
C ASN B 130 -5.33 4.07 2.67
N PRO B 131 -5.98 4.07 1.50
CA PRO B 131 -5.38 4.62 0.28
C PRO B 131 -4.89 6.06 0.43
N SER B 132 -5.55 6.85 1.28
CA SER B 132 -5.12 8.23 1.48
C SER B 132 -3.66 8.30 1.96
N TYR B 133 -3.24 7.28 2.70
CA TYR B 133 -1.87 7.22 3.22
C TYR B 133 -0.88 7.27 2.06
N ILE B 134 -1.11 6.44 1.05
CA ILE B 134 -0.24 6.41 -0.12
C ILE B 134 -0.36 7.70 -0.91
N GLU B 135 -1.56 8.28 -0.94
CA GLU B 135 -1.77 9.52 -1.67
C GLU B 135 -0.95 10.61 -1.00
N ARG B 136 -0.97 10.63 0.33
CA ARG B 136 -0.21 11.61 1.07
C ARG B 136 1.26 11.52 0.68
N MET B 137 1.75 10.28 0.53
CA MET B 137 3.14 10.07 0.14
C MET B 137 3.44 10.76 -1.18
N LEU B 138 2.59 10.52 -2.16
CA LEU B 138 2.77 11.12 -3.48
C LEU B 138 2.79 12.65 -3.39
N ASP B 139 1.85 13.22 -2.65
CA ASP B 139 1.79 14.67 -2.52
C ASP B 139 3.02 15.27 -1.85
N ILE B 140 3.55 14.58 -0.84
CA ILE B 140 4.75 15.07 -0.16
C ILE B 140 5.94 14.96 -1.11
N ALA B 141 6.00 13.87 -1.85
CA ALA B 141 7.09 13.67 -2.80
C ALA B 141 7.04 14.76 -3.86
N GLU B 142 5.84 15.21 -4.21
CA GLU B 142 5.70 16.26 -5.21
C GLU B 142 6.23 17.57 -4.61
N PHE B 143 5.81 17.86 -3.39
CA PHE B 143 6.25 19.07 -2.71
C PHE B 143 7.77 19.11 -2.67
N SER B 144 8.36 18.00 -2.25
CA SER B 144 9.82 17.90 -2.16
C SER B 144 10.49 18.16 -3.50
N THR B 145 10.06 17.43 -4.53
CA THR B 145 10.65 17.57 -5.85
C THR B 145 10.57 19.00 -6.39
N ILE B 146 9.37 19.57 -6.40
CA ILE B 146 9.20 20.93 -6.90
C ILE B 146 10.05 21.91 -6.09
N SER B 147 10.18 21.66 -4.79
CA SER B 147 10.97 22.53 -3.93
C SER B 147 12.43 22.58 -4.38
N ARG B 148 13.09 21.42 -4.38
CA ARG B 148 14.49 21.35 -4.78
C ARG B 148 14.75 21.90 -6.17
N VAL B 149 13.71 21.98 -7.01
CA VAL B 149 13.87 22.50 -8.36
C VAL B 149 13.95 24.02 -8.39
N LYS B 150 15.11 24.53 -8.79
CA LYS B 150 15.34 25.97 -8.87
C LYS B 150 16.48 26.29 -9.84
N ILE B 169 15.33 9.71 -4.31
CA ILE B 169 15.08 9.25 -2.94
C ILE B 169 13.63 9.53 -2.55
N PHE B 170 12.96 8.51 -2.03
CA PHE B 170 11.56 8.64 -1.61
C PHE B 170 11.42 8.34 -0.12
N TYR B 171 12.33 7.52 0.39
CA TYR B 171 12.34 7.14 1.80
C TYR B 171 11.83 8.23 2.76
N PRO B 172 12.35 9.47 2.62
CA PRO B 172 11.91 10.53 3.51
C PRO B 172 10.44 10.87 3.34
N CYS B 173 10.00 11.03 2.08
CA CYS B 173 8.63 11.37 1.80
C CYS B 173 7.66 10.31 2.29
N MET B 174 8.06 9.05 2.19
CA MET B 174 7.20 7.95 2.62
C MET B 174 6.98 7.93 4.14
N GLN B 175 8.03 8.20 4.91
CA GLN B 175 7.91 8.21 6.36
C GLN B 175 7.24 9.50 6.83
N ALA B 176 7.50 10.59 6.11
CA ALA B 176 6.93 11.90 6.43
C ALA B 176 5.40 11.88 6.42
N ALA B 177 4.83 10.97 5.63
CA ALA B 177 3.38 10.86 5.53
C ALA B 177 2.75 10.30 6.79
N ASP B 178 3.53 9.57 7.58
CA ASP B 178 3.02 8.95 8.80
C ASP B 178 2.35 9.90 9.78
N VAL B 179 2.98 11.03 10.07
CA VAL B 179 2.42 11.96 11.05
C VAL B 179 1.09 12.58 10.62
N PHE B 180 0.79 12.55 9.32
CA PHE B 180 -0.46 13.13 8.81
C PHE B 180 -1.57 12.10 8.60
N GLU B 181 -1.22 10.82 8.50
CA GLU B 181 -2.23 9.80 8.23
C GLU B 181 -2.55 8.74 9.27
N LEU B 182 -1.67 8.51 10.24
CA LEU B 182 -1.93 7.48 11.24
C LEU B 182 -3.26 7.66 11.95
N VAL B 183 -3.73 8.90 12.03
CA VAL B 183 -5.02 9.21 12.64
C VAL B 183 -5.67 10.32 11.80
N PRO B 184 -7.00 10.28 11.63
CA PRO B 184 -7.76 11.27 10.85
C PRO B 184 -7.29 12.73 10.94
N GLU B 185 -7.24 13.29 12.14
CA GLU B 185 -6.82 14.68 12.28
C GLU B 185 -5.30 14.86 12.21
N GLY B 186 -4.57 13.75 12.12
CA GLY B 186 -3.13 13.82 12.07
C GLY B 186 -2.51 13.82 13.46
N ILE B 187 -1.43 13.07 13.62
CA ILE B 187 -0.74 12.97 14.90
C ILE B 187 -0.24 14.33 15.35
N ASP B 188 -0.40 14.62 16.64
CA ASP B 188 0.06 15.89 17.20
C ASP B 188 1.58 15.93 17.39
N ILE B 189 2.13 14.90 18.04
CA ILE B 189 3.57 14.86 18.30
C ILE B 189 4.32 13.66 17.71
N CYS B 190 5.40 13.95 17.00
CA CYS B 190 6.25 12.92 16.40
C CYS B 190 7.39 12.69 17.38
N GLN B 191 7.36 11.57 18.11
CA GLN B 191 8.42 11.28 19.08
C GLN B 191 9.42 10.27 18.53
N LEU B 192 10.52 10.79 17.99
CA LEU B 192 11.55 9.92 17.42
C LEU B 192 12.94 10.32 17.89
N GLY B 193 13.93 9.53 17.51
CA GLY B 193 15.30 9.81 17.87
C GLY B 193 15.80 11.02 17.08
N ILE B 194 16.78 11.71 17.62
CA ILE B 194 17.31 12.89 16.96
C ILE B 194 17.92 12.59 15.59
N ASP B 195 18.24 11.32 15.33
CA ASP B 195 18.82 10.94 14.04
C ASP B 195 17.76 10.91 12.94
N GLN B 196 16.50 11.13 13.31
CA GLN B 196 15.40 11.13 12.33
C GLN B 196 14.98 12.57 12.01
N ARG B 197 15.80 13.51 12.42
CA ARG B 197 15.55 14.93 12.22
C ARG B 197 15.08 15.35 10.82
N LYS B 198 15.82 14.95 9.78
CA LYS B 198 15.44 15.32 8.41
C LYS B 198 14.00 15.02 8.04
N VAL B 199 13.48 13.88 8.49
CA VAL B 199 12.11 13.51 8.16
C VAL B 199 11.07 14.45 8.75
N ASN B 200 11.13 14.69 10.06
CA ASN B 200 10.15 15.57 10.69
C ASN B 200 10.30 17.02 10.21
N MET B 201 11.47 17.37 9.68
CA MET B 201 11.67 18.72 9.18
C MET B 201 10.91 18.86 7.86
N LEU B 202 10.92 17.79 7.07
CA LEU B 202 10.21 17.79 5.80
C LEU B 202 8.72 17.89 6.11
N ALA B 203 8.25 17.05 7.01
CA ALA B 203 6.85 17.04 7.39
C ALA B 203 6.38 18.44 7.82
N ILE B 204 7.26 19.17 8.49
CA ILE B 204 6.92 20.53 8.94
C ILE B 204 6.90 21.48 7.76
N GLU B 205 7.89 21.35 6.87
CA GLU B 205 7.96 22.19 5.68
C GLU B 205 6.66 22.00 4.89
N TYR B 206 6.33 20.74 4.63
CA TYR B 206 5.15 20.36 3.88
C TYR B 206 3.87 20.91 4.50
N ALA B 207 3.69 20.68 5.80
CA ALA B 207 2.50 21.16 6.50
C ALA B 207 2.28 22.67 6.35
N ASN B 208 3.37 23.43 6.41
CA ASN B 208 3.27 24.88 6.27
C ASN B 208 2.89 25.28 4.85
N ASP B 209 3.40 24.54 3.87
CA ASP B 209 3.12 24.80 2.47
C ASP B 209 1.76 24.27 2.02
N ARG B 210 1.06 23.61 2.93
CA ARG B 210 -0.25 23.03 2.61
C ARG B 210 -1.33 23.49 3.60
N GLY B 211 -0.96 24.38 4.51
CA GLY B 211 -1.91 24.89 5.48
C GLY B 211 -2.51 23.83 6.39
N LEU B 212 -1.74 22.78 6.68
CA LEU B 212 -2.19 21.71 7.55
C LEU B 212 -1.71 21.96 8.98
N LYS B 213 -2.18 21.16 9.92
CA LYS B 213 -1.76 21.29 11.31
C LYS B 213 -0.26 21.01 11.30
N ILE B 214 0.51 21.83 12.01
CA ILE B 214 1.95 21.62 12.04
C ILE B 214 2.33 20.58 13.08
N PRO B 215 3.00 19.49 12.66
CA PRO B 215 3.39 18.46 13.62
C PRO B 215 4.45 18.95 14.61
N ILE B 216 4.27 18.59 15.88
CA ILE B 216 5.21 18.97 16.93
C ILE B 216 6.28 17.89 17.07
N SER B 217 7.54 18.30 16.97
CA SER B 217 8.67 17.39 17.06
C SER B 217 9.27 17.31 18.49
N LEU B 218 9.41 16.09 18.99
CA LEU B 218 9.96 15.85 20.32
C LEU B 218 11.01 14.74 20.16
N SER B 219 12.26 15.16 19.91
CA SER B 219 13.35 14.21 19.67
C SER B 219 14.30 13.91 20.84
N HIS B 220 14.58 12.63 21.04
CA HIS B 220 15.44 12.22 22.14
C HIS B 220 16.89 11.93 21.76
N HIS B 221 17.76 12.00 22.77
CA HIS B 221 19.18 11.75 22.60
C HIS B 221 19.44 10.33 22.07
N MET B 222 20.46 10.19 21.23
CA MET B 222 20.85 8.88 20.70
C MET B 222 22.00 8.37 21.58
N LEU B 223 21.76 7.28 22.30
CA LEU B 223 22.77 6.72 23.20
C LEU B 223 24.06 6.42 22.43
N MET B 224 25.20 6.80 22.98
CA MET B 224 26.46 6.54 22.32
C MET B 224 26.92 5.09 22.46
N SER B 225 27.84 4.69 21.58
CA SER B 225 28.39 3.34 21.59
C SER B 225 29.20 3.06 22.85
N LEU B 226 29.12 1.83 23.36
CA LEU B 226 29.90 1.45 24.54
C LEU B 226 31.39 1.43 24.20
N SER B 227 31.70 1.36 22.91
CA SER B 227 33.09 1.33 22.48
C SER B 227 33.75 2.71 22.50
N GLY B 228 32.98 3.75 22.78
CA GLY B 228 33.56 5.07 22.84
C GLY B 228 33.28 5.96 21.64
N PRO B 229 33.67 7.24 21.71
CA PRO B 229 33.46 8.24 20.66
C PRO B 229 34.18 7.92 19.34
N LYS B 230 35.33 7.27 19.42
CA LYS B 230 36.08 6.92 18.21
C LYS B 230 35.43 5.76 17.47
N LYS B 231 34.37 5.19 18.05
CA LYS B 231 33.67 4.08 17.43
C LYS B 231 32.36 4.56 16.82
N LYS B 232 31.90 3.86 15.79
CA LYS B 232 30.66 4.22 15.10
C LYS B 232 29.42 3.68 15.80
N MET B 233 28.64 2.86 15.09
CA MET B 233 27.42 2.27 15.63
C MET B 233 26.81 1.31 14.60
N SER B 234 26.23 0.23 15.09
CA SER B 234 25.60 -0.79 14.25
C SER B 234 26.60 -1.59 13.42
N LYS B 235 27.82 -1.07 13.29
CA LYS B 235 28.88 -1.73 12.54
C LYS B 235 29.30 -2.98 13.32
N SER B 236 30.15 -2.75 14.32
CA SER B 236 30.62 -3.82 15.20
C SER B 236 29.73 -3.70 16.43
N ASP B 237 28.49 -3.33 16.16
CA ASP B 237 27.44 -3.14 17.15
C ASP B 237 27.30 -4.20 18.25
N PRO B 238 27.47 -5.48 17.90
CA PRO B 238 27.32 -6.47 18.98
C PRO B 238 28.00 -6.02 20.27
N GLN B 239 29.26 -5.61 20.17
CA GLN B 239 30.00 -5.15 21.34
C GLN B 239 29.61 -3.74 21.78
N GLY B 240 29.29 -2.89 20.82
CA GLY B 240 28.94 -1.51 21.16
C GLY B 240 27.59 -1.25 21.80
N ALA B 241 26.77 -2.28 22.00
CA ALA B 241 25.48 -2.04 22.62
C ALA B 241 24.91 -3.23 23.38
N ILE B 242 24.07 -2.92 24.36
CA ILE B 242 23.42 -3.93 25.18
C ILE B 242 22.08 -4.23 24.50
N PHE B 243 21.77 -5.51 24.32
CA PHE B 243 20.53 -5.94 23.70
C PHE B 243 19.64 -6.63 24.74
N MET B 244 18.32 -6.56 24.54
CA MET B 244 17.40 -7.16 25.49
C MET B 244 17.49 -8.69 25.53
N ASP B 245 18.25 -9.28 24.61
CA ASP B 245 18.44 -10.72 24.59
C ASP B 245 19.80 -11.14 25.20
N ASP B 246 20.63 -10.16 25.55
CA ASP B 246 21.93 -10.45 26.15
C ASP B 246 21.76 -11.12 27.51
N THR B 247 22.56 -12.15 27.80
CA THR B 247 22.50 -12.82 29.10
C THR B 247 23.15 -11.92 30.15
N GLU B 248 23.02 -12.27 31.41
CA GLU B 248 23.63 -11.49 32.50
C GLU B 248 25.14 -11.40 32.30
N GLN B 249 25.76 -12.52 31.94
CA GLN B 249 27.20 -12.58 31.71
C GLN B 249 27.63 -11.71 30.53
N GLU B 250 26.81 -11.68 29.48
CA GLU B 250 27.11 -10.87 28.29
C GLU B 250 27.03 -9.38 28.61
N VAL B 251 26.03 -8.97 29.39
CA VAL B 251 25.91 -7.57 29.78
C VAL B 251 27.15 -7.15 30.58
N SER B 252 27.51 -7.96 31.57
CA SER B 252 28.67 -7.65 32.40
C SER B 252 29.96 -7.55 31.59
N GLU B 253 30.12 -8.42 30.60
CA GLU B 253 31.33 -8.39 29.80
C GLU B 253 31.35 -7.17 28.86
N LYS B 254 30.17 -6.75 28.39
CA LYS B 254 30.12 -5.58 27.51
C LYS B 254 30.39 -4.32 28.32
N ILE B 255 29.96 -4.32 29.57
CA ILE B 255 30.21 -3.17 30.43
C ILE B 255 31.70 -3.17 30.80
N SER B 256 32.28 -4.34 31.03
CA SER B 256 33.70 -4.41 31.39
C SER B 256 34.58 -3.87 30.27
N ARG B 257 34.22 -4.17 29.03
CA ARG B 257 34.99 -3.71 27.88
C ARG B 257 34.77 -2.26 27.50
N ALA B 258 33.64 -1.70 27.91
CA ALA B 258 33.28 -0.34 27.56
C ALA B 258 34.32 0.73 27.85
N TYR B 259 34.42 1.66 26.92
CA TYR B 259 35.32 2.80 27.03
C TYR B 259 34.88 3.57 28.27
N CYS B 260 35.83 3.99 29.10
CA CYS B 260 35.49 4.73 30.32
C CYS B 260 36.67 5.52 30.86
N THR B 261 36.51 6.83 30.94
CA THR B 261 37.56 7.69 31.47
C THR B 261 37.03 8.26 32.78
N ASP B 262 37.79 9.20 33.36
CA ASP B 262 37.36 9.81 34.59
C ASP B 262 36.48 11.04 34.34
N GLU B 263 36.30 11.40 33.06
CA GLU B 263 35.45 12.54 32.70
C GLU B 263 34.10 12.05 32.16
N THR B 264 33.05 12.84 32.34
CA THR B 264 31.72 12.48 31.89
C THR B 264 31.50 12.67 30.39
N PHE B 265 32.22 13.61 29.80
CA PHE B 265 32.12 13.89 28.36
C PHE B 265 32.60 12.68 27.55
N ASP B 266 31.86 12.33 26.50
CA ASP B 266 32.19 11.19 25.64
C ASP B 266 32.37 9.89 26.42
N ASN B 267 31.65 9.76 27.53
CA ASN B 267 31.78 8.57 28.36
C ASN B 267 30.48 7.78 28.33
N PRO B 268 30.48 6.60 27.68
CA PRO B 268 29.30 5.75 27.57
C PRO B 268 28.74 5.24 28.89
N ILE B 269 29.59 5.08 29.88
CA ILE B 269 29.12 4.64 31.19
C ILE B 269 28.26 5.76 31.79
N PHE B 270 28.74 7.00 31.70
CA PHE B 270 27.98 8.14 32.22
C PHE B 270 26.69 8.28 31.42
N GLU B 271 26.77 8.04 30.12
CA GLU B 271 25.59 8.15 29.27
C GLU B 271 24.50 7.14 29.63
N TYR B 272 24.88 5.88 29.86
CA TYR B 272 23.88 4.88 30.22
C TYR B 272 23.24 5.22 31.58
N ILE B 273 24.03 5.78 32.47
CA ILE B 273 23.55 6.17 33.80
C ILE B 273 22.54 7.31 33.67
N LYS B 274 22.90 8.32 32.90
CA LYS B 274 22.06 9.50 32.70
C LYS B 274 20.80 9.30 31.87
N TYR B 275 20.94 8.73 30.68
CA TYR B 275 19.78 8.56 29.83
C TYR B 275 18.91 7.34 30.10
N LEU B 276 19.46 6.34 30.77
CA LEU B 276 18.68 5.14 31.04
C LEU B 276 18.45 4.83 32.52
N LEU B 277 19.53 4.49 33.23
CA LEU B 277 19.41 4.10 34.63
C LEU B 277 18.79 5.08 35.62
N LEU B 278 19.28 6.31 35.70
CA LEU B 278 18.70 7.25 36.66
C LEU B 278 17.22 7.53 36.33
N ARG B 279 16.93 7.72 35.06
CA ARG B 279 15.54 7.99 34.65
C ARG B 279 14.66 6.77 34.92
N TRP B 280 15.19 5.58 34.70
CA TRP B 280 14.39 4.38 34.91
C TRP B 280 14.16 4.05 36.39
N PHE B 281 15.21 4.10 37.18
CA PHE B 281 15.10 3.76 38.59
C PHE B 281 14.79 4.90 39.56
N GLY B 282 15.12 6.12 39.17
CA GLY B 282 14.85 7.27 40.04
C GLY B 282 15.91 7.47 41.12
N THR B 283 16.39 6.36 41.70
CA THR B 283 17.40 6.41 42.75
C THR B 283 18.46 5.35 42.48
N LEU B 284 19.73 5.75 42.48
CA LEU B 284 20.82 4.81 42.24
C LEU B 284 21.88 4.81 43.33
N ASN B 285 22.26 3.60 43.76
CA ASN B 285 23.30 3.43 44.77
C ASN B 285 24.57 3.10 43.97
N LEU B 286 25.40 4.11 43.76
CA LEU B 286 26.64 3.99 42.98
C LEU B 286 27.89 4.19 43.84
N CYS B 287 28.78 3.22 43.83
CA CYS B 287 30.02 3.28 44.61
C CYS B 287 29.79 3.67 46.08
N GLY B 288 28.78 3.08 46.71
CA GLY B 288 28.51 3.36 48.11
C GLY B 288 27.89 4.71 48.45
N LYS B 289 27.28 5.36 47.48
CA LYS B 289 26.62 6.64 47.72
C LYS B 289 25.30 6.64 46.96
N ILE B 290 24.26 7.22 47.57
CA ILE B 290 22.93 7.27 46.95
C ILE B 290 22.74 8.55 46.14
N TYR B 291 22.28 8.40 44.90
CA TYR B 291 22.06 9.56 44.03
C TYR B 291 20.63 9.63 43.52
N THR B 292 20.07 10.84 43.49
CA THR B 292 18.71 11.06 43.01
C THR B 292 18.67 12.12 41.91
N ASP B 293 19.81 12.68 41.56
CA ASP B 293 19.89 13.67 40.49
C ASP B 293 21.23 13.56 39.77
N ILE B 294 21.21 13.77 38.45
CA ILE B 294 22.40 13.64 37.62
C ILE B 294 23.50 14.65 37.97
N GLU B 295 23.12 15.77 38.57
CA GLU B 295 24.07 16.80 38.95
C GLU B 295 25.08 16.26 39.96
N SER B 296 24.59 15.56 40.98
CA SER B 296 25.48 15.00 42.00
C SER B 296 26.36 13.88 41.46
N ILE B 297 25.85 13.12 40.49
CA ILE B 297 26.63 12.04 39.90
C ILE B 297 27.79 12.63 39.11
N GLN B 298 27.51 13.70 38.37
CA GLN B 298 28.52 14.38 37.56
C GLN B 298 29.66 14.93 38.43
N GLU B 299 29.32 15.50 39.57
CA GLU B 299 30.32 16.06 40.47
C GLU B 299 31.25 14.98 41.02
N ASP B 300 30.68 13.85 41.44
CA ASP B 300 31.48 12.76 42.01
C ASP B 300 32.09 11.82 40.99
N PHE B 301 31.66 11.91 39.74
CA PHE B 301 32.14 10.99 38.72
C PHE B 301 33.65 10.74 38.63
N SER B 302 34.44 11.79 38.48
CA SER B 302 35.89 11.62 38.36
C SER B 302 36.53 10.84 39.50
N SER B 303 36.01 10.99 40.71
CA SER B 303 36.60 10.29 41.85
C SER B 303 36.00 8.91 42.14
N MET B 304 35.02 8.50 41.34
CA MET B 304 34.43 7.18 41.55
C MET B 304 35.38 6.06 41.08
N ASN B 305 35.50 5.00 41.86
CA ASN B 305 36.33 3.87 41.46
C ASN B 305 35.53 3.28 40.28
N LYS B 306 36.12 3.31 39.07
CA LYS B 306 35.44 2.82 37.87
C LYS B 306 35.09 1.33 37.80
N ARG B 307 35.86 0.48 38.46
CA ARG B 307 35.55 -0.95 38.45
C ARG B 307 34.31 -1.19 39.31
N GLU B 308 34.21 -0.46 40.42
CA GLU B 308 33.07 -0.57 41.32
C GLU B 308 31.84 0.02 40.63
N LEU B 309 32.03 1.13 39.95
CA LEU B 309 30.94 1.79 39.25
C LEU B 309 30.39 0.84 38.19
N LYS B 310 31.29 0.23 37.42
CA LYS B 310 30.85 -0.68 36.36
C LYS B 310 30.08 -1.86 36.92
N THR B 311 30.50 -2.35 38.09
CA THR B 311 29.80 -3.46 38.71
C THR B 311 28.36 -3.05 39.01
N ASP B 312 28.18 -1.87 39.60
CA ASP B 312 26.83 -1.39 39.93
C ASP B 312 26.02 -1.15 38.64
N VAL B 313 26.63 -0.48 37.67
CA VAL B 313 25.93 -0.21 36.41
C VAL B 313 25.42 -1.50 35.76
N ALA B 314 26.27 -2.51 35.66
CA ALA B 314 25.88 -3.79 35.07
C ALA B 314 24.79 -4.46 35.89
N ASN B 315 24.88 -4.35 37.22
CA ASN B 315 23.85 -4.95 38.05
C ASN B 315 22.49 -4.28 37.80
N TYR B 316 22.48 -2.96 37.71
CA TYR B 316 21.22 -2.26 37.45
C TYR B 316 20.67 -2.57 36.07
N ILE B 317 21.54 -2.65 35.07
CA ILE B 317 21.11 -2.97 33.72
C ILE B 317 20.52 -4.39 33.69
N ASN B 318 21.20 -5.32 34.35
CA ASN B 318 20.69 -6.69 34.37
C ASN B 318 19.34 -6.83 35.05
N THR B 319 19.04 -5.95 36.00
CA THR B 319 17.77 -5.98 36.70
C THR B 319 16.68 -5.62 35.69
N ILE B 320 16.94 -4.61 34.86
CA ILE B 320 15.97 -4.21 33.85
C ILE B 320 15.73 -5.34 32.86
N ILE B 321 16.81 -5.89 32.29
CA ILE B 321 16.65 -6.96 31.33
C ILE B 321 16.00 -8.21 31.92
N ASP B 322 16.11 -8.40 33.24
CA ASP B 322 15.50 -9.56 33.89
C ASP B 322 13.98 -9.57 33.67
N LEU B 323 13.39 -8.39 33.47
CA LEU B 323 11.95 -8.30 33.23
C LEU B 323 11.63 -9.02 31.92
N VAL B 324 12.51 -8.86 30.93
CA VAL B 324 12.31 -9.51 29.64
C VAL B 324 12.59 -11.00 29.74
N ARG B 325 13.68 -11.36 30.42
CA ARG B 325 14.06 -12.76 30.58
C ARG B 325 12.92 -13.53 31.26
N GLU B 326 12.34 -12.94 32.30
CA GLU B 326 11.26 -13.61 33.02
C GLU B 326 9.99 -13.69 32.16
N HIS B 327 9.71 -12.61 31.43
CA HIS B 327 8.52 -12.55 30.56
C HIS B 327 8.56 -13.68 29.54
N PHE B 328 9.70 -13.89 28.90
CA PHE B 328 9.80 -14.93 27.90
C PHE B 328 9.91 -16.36 28.40
N LYS B 329 9.70 -16.57 29.69
CA LYS B 329 9.72 -17.91 30.24
C LYS B 329 8.28 -18.44 30.20
N LYS B 330 7.32 -17.55 29.96
CA LYS B 330 5.92 -17.93 29.87
C LYS B 330 5.80 -18.94 28.73
N PRO B 331 5.21 -20.11 29.01
CA PRO B 331 5.03 -21.18 28.01
C PRO B 331 4.36 -20.70 26.72
N GLU B 332 3.45 -19.74 26.83
CA GLU B 332 2.75 -19.24 25.65
C GLU B 332 3.65 -18.49 24.67
N LEU B 333 4.85 -18.10 25.11
CA LEU B 333 5.75 -17.37 24.23
C LEU B 333 6.96 -18.20 23.77
N SER B 334 6.92 -19.51 23.99
CA SER B 334 8.05 -20.39 23.61
C SER B 334 8.25 -20.44 22.10
N GLU B 335 7.15 -20.45 21.35
CA GLU B 335 7.19 -20.48 19.90
C GLU B 335 7.89 -19.21 19.40
N LEU B 336 7.41 -18.07 19.88
CA LEU B 336 7.96 -16.77 19.50
C LEU B 336 9.44 -16.73 19.82
N LEU B 337 9.77 -17.09 21.06
CA LEU B 337 11.14 -17.08 21.54
C LEU B 337 12.07 -17.94 20.68
N SER B 338 11.63 -19.16 20.38
CA SER B 338 12.43 -20.07 19.57
C SER B 338 12.69 -19.53 18.17
N ASN B 339 11.67 -18.96 17.55
CA ASN B 339 11.81 -18.41 16.21
C ASN B 339 12.78 -17.23 16.21
N VAL B 340 12.63 -16.35 17.21
CA VAL B 340 13.50 -15.18 17.30
C VAL B 340 14.96 -15.59 17.46
N LYS B 341 15.22 -16.58 18.29
CA LYS B 341 16.59 -17.05 18.50
C LYS B 341 17.21 -17.54 17.19
N SER B 342 16.44 -18.34 16.45
CA SER B 342 16.90 -18.92 15.21
C SER B 342 17.32 -17.88 14.18
N TYR B 343 16.57 -16.78 14.07
CA TYR B 343 16.89 -15.74 13.10
C TYR B 343 18.25 -15.10 13.39
N GLN B 344 19.10 -15.82 14.12
CA GLN B 344 20.43 -15.34 14.48
C GLN B 344 20.18 -14.06 15.28
N GLN B 345 19.24 -14.16 16.21
CA GLN B 345 18.82 -13.03 17.03
C GLN B 345 18.69 -13.44 18.51
N PRO B 346 17.74 -12.85 19.25
CA PRO B 346 17.56 -13.21 20.67
C PRO B 346 17.35 -14.70 20.94
N SER B 347 18.23 -15.50 20.58
#